data_1XJX
# 
_entry.id   1XJX 
# 
_audit_conform.dict_name       mmcif_pdbx.dic 
_audit_conform.dict_version    5.389 
_audit_conform.dict_location   http://mmcif.pdb.org/dictionaries/ascii/mmcif_pdbx.dic 
# 
loop_
_database_2.database_id 
_database_2.database_code 
_database_2.pdbx_database_accession 
_database_2.pdbx_DOI 
PDB   1XJX         pdb_00001xjx 10.2210/pdb1xjx/pdb 
NDB   AD0032       ?            ?                   
RCSB  RCSB030439   ?            ?                   
WWPDB D_1000030439 ?            ?                   
# 
loop_
_pdbx_audit_revision_history.ordinal 
_pdbx_audit_revision_history.data_content_type 
_pdbx_audit_revision_history.major_revision 
_pdbx_audit_revision_history.minor_revision 
_pdbx_audit_revision_history.revision_date 
1 'Structure model' 1 0 2005-03-15 
2 'Structure model' 1 1 2008-04-30 
3 'Structure model' 1 2 2011-07-13 
4 'Structure model' 1 3 2024-03-13 
5 'Structure model' 1 4 2024-04-03 
# 
_pdbx_audit_revision_details.ordinal             1 
_pdbx_audit_revision_details.revision_ordinal    1 
_pdbx_audit_revision_details.data_content_type   'Structure model' 
_pdbx_audit_revision_details.provider            repository 
_pdbx_audit_revision_details.type                'Initial release' 
_pdbx_audit_revision_details.description         ? 
_pdbx_audit_revision_details.details             ? 
# 
loop_
_pdbx_audit_revision_group.ordinal 
_pdbx_audit_revision_group.revision_ordinal 
_pdbx_audit_revision_group.data_content_type 
_pdbx_audit_revision_group.group 
1 2 'Structure model' 'Version format compliance' 
2 3 'Structure model' 'Version format compliance' 
3 4 'Structure model' 'Data collection'           
4 4 'Structure model' 'Database references'       
5 5 'Structure model' 'Refinement description'    
# 
loop_
_pdbx_audit_revision_category.ordinal 
_pdbx_audit_revision_category.revision_ordinal 
_pdbx_audit_revision_category.data_content_type 
_pdbx_audit_revision_category.category 
1 4 'Structure model' chem_comp_atom                
2 4 'Structure model' chem_comp_bond                
3 4 'Structure model' database_2                    
4 5 'Structure model' pdbx_initial_refinement_model 
# 
loop_
_pdbx_audit_revision_item.ordinal 
_pdbx_audit_revision_item.revision_ordinal 
_pdbx_audit_revision_item.data_content_type 
_pdbx_audit_revision_item.item 
1 4 'Structure model' '_database_2.pdbx_DOI'                
2 4 'Structure model' '_database_2.pdbx_database_accession' 
# 
_pdbx_database_status.status_code                     REL 
_pdbx_database_status.entry_id                        1XJX 
_pdbx_database_status.recvd_initial_deposition_date   2004-09-26 
_pdbx_database_status.deposit_site                    RCSB 
_pdbx_database_status.process_site                    PDBJ 
_pdbx_database_status.status_code_sf                  REL 
_pdbx_database_status.status_code_mr                  ? 
_pdbx_database_status.SG_entry                        ? 
_pdbx_database_status.pdb_format_compatible           Y 
_pdbx_database_status.status_code_cs                  ? 
_pdbx_database_status.status_code_nmr_data            ? 
_pdbx_database_status.methods_development_category    ? 
# 
_pdbx_database_related.db_name        PDB 
_pdbx_database_related.db_id          1XJY 
_pdbx_database_related.details        'the same nucleic acid at 2.0 angstrom' 
_pdbx_database_related.content_type   unspecified 
# 
loop_
_audit_author.name 
_audit_author.pdbx_ordinal 
'Kitayner, M.'   1 
'Rozenberg, H.'  2 
'Rabinovich, D.' 3 
'Shakked, Z.'    4 
# 
_citation.id                        primary 
_citation.title                     'Structures of the DNA-binding site of Runt-domain transcription regulators.' 
_citation.journal_abbrev            'Acta Crystallogr.,Sect.D' 
_citation.journal_volume            61 
_citation.page_first                236 
_citation.page_last                 246 
_citation.year                      2005 
_citation.journal_id_ASTM           ABCRE6 
_citation.country                   DK 
_citation.journal_id_ISSN           0907-4449 
_citation.journal_id_CSD            0766 
_citation.book_publisher            ? 
_citation.pdbx_database_id_PubMed   15735333 
_citation.pdbx_database_id_DOI      10.1107/S0907444904032378 
# 
loop_
_citation_author.citation_id 
_citation_author.name 
_citation_author.ordinal 
_citation_author.identifier_ORCID 
primary 'Kitayner, M.'   1 ? 
primary 'Rozenberg, H.'  2 ? 
primary 'Rabinovich, D.' 3 ? 
primary 'Shakked, Z.'    4 ? 
# 
loop_
_entity.id 
_entity.type 
_entity.src_method 
_entity.pdbx_description 
_entity.formula_weight 
_entity.pdbx_number_of_molecules 
_entity.pdbx_ec 
_entity.pdbx_mutation 
_entity.pdbx_fragment 
_entity.details 
1 polymer syn "5'-D(*TP*CP*TP*GP*CP*GP*GP*TP*C)-3'" 2722.784 1   ? ? ? ? 
2 polymer syn "5'-D(*TP*GP*AP*CP*CP*GP*CP*AP*G)-3'" 2740.812 1   ? ? ? ? 
3 water   nat water                                 18.015   102 ? ? ? ? 
# 
loop_
_entity_poly.entity_id 
_entity_poly.type 
_entity_poly.nstd_linkage 
_entity_poly.nstd_monomer 
_entity_poly.pdbx_seq_one_letter_code 
_entity_poly.pdbx_seq_one_letter_code_can 
_entity_poly.pdbx_strand_id 
_entity_poly.pdbx_target_identifier 
1 polydeoxyribonucleotide no no '(DT)(DC)(DT)(DG)(DC)(DG)(DG)(DT)(DC)' TCTGCGGTC A ? 
2 polydeoxyribonucleotide no no '(DT)(DG)(DA)(DC)(DC)(DG)(DC)(DA)(DG)' TGACCGCAG B ? 
# 
_pdbx_entity_nonpoly.entity_id   3 
_pdbx_entity_nonpoly.name        water 
_pdbx_entity_nonpoly.comp_id     HOH 
# 
loop_
_entity_poly_seq.entity_id 
_entity_poly_seq.num 
_entity_poly_seq.mon_id 
_entity_poly_seq.hetero 
1 1 DT n 
1 2 DC n 
1 3 DT n 
1 4 DG n 
1 5 DC n 
1 6 DG n 
1 7 DG n 
1 8 DT n 
1 9 DC n 
2 1 DT n 
2 2 DG n 
2 3 DA n 
2 4 DC n 
2 5 DC n 
2 6 DG n 
2 7 DC n 
2 8 DA n 
2 9 DG n 
# 
loop_
_chem_comp.id 
_chem_comp.type 
_chem_comp.mon_nstd_flag 
_chem_comp.name 
_chem_comp.pdbx_synonyms 
_chem_comp.formula 
_chem_comp.formula_weight 
DA  'DNA linking' y "2'-DEOXYADENOSINE-5'-MONOPHOSPHATE" ? 'C10 H14 N5 O6 P' 331.222 
DC  'DNA linking' y "2'-DEOXYCYTIDINE-5'-MONOPHOSPHATE"  ? 'C9 H14 N3 O7 P'  307.197 
DG  'DNA linking' y "2'-DEOXYGUANOSINE-5'-MONOPHOSPHATE" ? 'C10 H14 N5 O7 P' 347.221 
DT  'DNA linking' y "THYMIDINE-5'-MONOPHOSPHATE"         ? 'C10 H15 N2 O8 P' 322.208 
HOH non-polymer   . WATER                                ? 'H2 O'            18.015  
# 
loop_
_pdbx_poly_seq_scheme.asym_id 
_pdbx_poly_seq_scheme.entity_id 
_pdbx_poly_seq_scheme.seq_id 
_pdbx_poly_seq_scheme.mon_id 
_pdbx_poly_seq_scheme.ndb_seq_num 
_pdbx_poly_seq_scheme.pdb_seq_num 
_pdbx_poly_seq_scheme.auth_seq_num 
_pdbx_poly_seq_scheme.pdb_mon_id 
_pdbx_poly_seq_scheme.auth_mon_id 
_pdbx_poly_seq_scheme.pdb_strand_id 
_pdbx_poly_seq_scheme.pdb_ins_code 
_pdbx_poly_seq_scheme.hetero 
A 1 1 DT 1 1  1  DT T A . n 
A 1 2 DC 2 2  2  DC C A . n 
A 1 3 DT 3 3  3  DT T A . n 
A 1 4 DG 4 4  4  DG G A . n 
A 1 5 DC 5 5  5  DC C A . n 
A 1 6 DG 6 6  6  DG G A . n 
A 1 7 DG 7 7  7  DG G A . n 
A 1 8 DT 8 8  8  DT T A . n 
A 1 9 DC 9 9  9  DC C A . n 
B 2 1 DT 1 10 10 DT T B . n 
B 2 2 DG 2 11 11 DG G B . n 
B 2 3 DA 3 12 12 DA A B . n 
B 2 4 DC 4 13 13 DC C B . n 
B 2 5 DC 5 14 14 DC C B . n 
B 2 6 DG 6 15 15 DG G B . n 
B 2 7 DC 7 16 16 DC C B . n 
B 2 8 DA 8 17 17 DA A B . n 
B 2 9 DG 9 18 18 DG G B . n 
# 
loop_
_pdbx_nonpoly_scheme.asym_id 
_pdbx_nonpoly_scheme.entity_id 
_pdbx_nonpoly_scheme.mon_id 
_pdbx_nonpoly_scheme.ndb_seq_num 
_pdbx_nonpoly_scheme.pdb_seq_num 
_pdbx_nonpoly_scheme.auth_seq_num 
_pdbx_nonpoly_scheme.pdb_mon_id 
_pdbx_nonpoly_scheme.auth_mon_id 
_pdbx_nonpoly_scheme.pdb_strand_id 
_pdbx_nonpoly_scheme.pdb_ins_code 
C 3 HOH 1  21  21  HOH HOH A . 
C 3 HOH 2  22  22  HOH HOH A . 
C 3 HOH 3  23  23  HOH HOH A . 
C 3 HOH 4  25  25  HOH HOH A . 
C 3 HOH 5  27  27  HOH HOH A . 
C 3 HOH 6  28  28  HOH HOH A . 
C 3 HOH 7  30  30  HOH HOH A . 
C 3 HOH 8  31  31  HOH HOH A . 
C 3 HOH 9  32  32  HOH HOH A . 
C 3 HOH 10 33  33  HOH HOH A . 
C 3 HOH 11 35  35  HOH HOH A . 
C 3 HOH 12 37  37  HOH HOH A . 
C 3 HOH 13 38  38  HOH HOH A . 
C 3 HOH 14 42  42  HOH HOH A . 
C 3 HOH 15 43  43  HOH HOH A . 
C 3 HOH 16 44  44  HOH HOH A . 
C 3 HOH 17 45  45  HOH HOH A . 
C 3 HOH 18 46  46  HOH HOH A . 
C 3 HOH 19 49  49  HOH HOH A . 
C 3 HOH 20 53  53  HOH HOH A . 
C 3 HOH 21 54  54  HOH HOH A . 
C 3 HOH 22 56  56  HOH HOH A . 
C 3 HOH 23 57  57  HOH HOH A . 
C 3 HOH 24 60  60  HOH HOH A . 
C 3 HOH 25 64  64  HOH HOH A . 
C 3 HOH 26 65  65  HOH HOH A . 
C 3 HOH 27 66  66  HOH HOH A . 
C 3 HOH 28 67  67  HOH HOH A . 
C 3 HOH 29 69  69  HOH HOH A . 
C 3 HOH 30 70  70  HOH HOH A . 
C 3 HOH 31 72  72  HOH HOH A . 
C 3 HOH 32 73  73  HOH HOH A . 
C 3 HOH 33 74  74  HOH HOH A . 
C 3 HOH 34 75  75  HOH HOH A . 
C 3 HOH 35 76  76  HOH HOH A . 
C 3 HOH 36 77  77  HOH HOH A . 
C 3 HOH 37 79  79  HOH HOH A . 
C 3 HOH 38 80  80  HOH HOH A . 
C 3 HOH 39 83  83  HOH HOH A . 
C 3 HOH 40 85  85  HOH HOH A . 
C 3 HOH 41 86  86  HOH HOH A . 
C 3 HOH 42 87  87  HOH HOH A . 
C 3 HOH 43 88  88  HOH HOH A . 
C 3 HOH 44 89  89  HOH HOH A . 
C 3 HOH 45 92  92  HOH HOH A . 
C 3 HOH 46 93  93  HOH HOH A . 
C 3 HOH 47 97  97  HOH HOH A . 
C 3 HOH 48 98  98  HOH HOH A . 
C 3 HOH 49 100 100 HOH HOH A . 
C 3 HOH 50 104 104 HOH HOH A . 
C 3 HOH 51 105 105 HOH HOH A . 
C 3 HOH 52 106 106 HOH HOH A . 
C 3 HOH 53 107 107 HOH HOH A . 
C 3 HOH 54 108 108 HOH HOH A . 
C 3 HOH 55 110 110 HOH HOH A . 
C 3 HOH 56 112 112 HOH HOH A . 
C 3 HOH 57 114 114 HOH HOH A . 
C 3 HOH 58 117 117 HOH HOH A . 
C 3 HOH 59 118 118 HOH HOH A . 
C 3 HOH 60 119 119 HOH HOH A . 
C 3 HOH 61 120 120 HOH HOH A . 
D 3 HOH 1  19  19  HOH HOH B . 
D 3 HOH 2  20  20  HOH HOH B . 
D 3 HOH 3  24  24  HOH HOH B . 
D 3 HOH 4  26  26  HOH HOH B . 
D 3 HOH 5  29  29  HOH HOH B . 
D 3 HOH 6  34  34  HOH HOH B . 
D 3 HOH 7  36  36  HOH HOH B . 
D 3 HOH 8  39  39  HOH HOH B . 
D 3 HOH 9  40  40  HOH HOH B . 
D 3 HOH 10 41  41  HOH HOH B . 
D 3 HOH 11 47  47  HOH HOH B . 
D 3 HOH 12 48  48  HOH HOH B . 
D 3 HOH 13 50  50  HOH HOH B . 
D 3 HOH 14 51  51  HOH HOH B . 
D 3 HOH 15 52  52  HOH HOH B . 
D 3 HOH 16 55  55  HOH HOH B . 
D 3 HOH 17 58  58  HOH HOH B . 
D 3 HOH 18 59  59  HOH HOH B . 
D 3 HOH 19 61  61  HOH HOH B . 
D 3 HOH 20 62  62  HOH HOH B . 
D 3 HOH 21 63  63  HOH HOH B . 
D 3 HOH 22 68  68  HOH HOH B . 
D 3 HOH 23 71  71  HOH HOH B . 
D 3 HOH 24 78  78  HOH HOH B . 
D 3 HOH 25 81  81  HOH HOH B . 
D 3 HOH 26 82  82  HOH HOH B . 
D 3 HOH 27 84  84  HOH HOH B . 
D 3 HOH 28 90  90  HOH HOH B . 
D 3 HOH 29 91  91  HOH HOH B . 
D 3 HOH 30 94  94  HOH HOH B . 
D 3 HOH 31 95  95  HOH HOH B . 
D 3 HOH 32 96  96  HOH HOH B . 
D 3 HOH 33 99  99  HOH HOH B . 
D 3 HOH 34 101 101 HOH HOH B . 
D 3 HOH 35 102 102 HOH HOH B . 
D 3 HOH 36 103 103 HOH HOH B . 
D 3 HOH 37 109 109 HOH HOH B . 
D 3 HOH 38 111 111 HOH HOH B . 
D 3 HOH 39 113 113 HOH HOH B . 
D 3 HOH 40 115 115 HOH HOH B . 
D 3 HOH 41 116 116 HOH HOH B . 
# 
loop_
_pdbx_unobs_or_zero_occ_atoms.id 
_pdbx_unobs_or_zero_occ_atoms.PDB_model_num 
_pdbx_unobs_or_zero_occ_atoms.polymer_flag 
_pdbx_unobs_or_zero_occ_atoms.occupancy_flag 
_pdbx_unobs_or_zero_occ_atoms.auth_asym_id 
_pdbx_unobs_or_zero_occ_atoms.auth_comp_id 
_pdbx_unobs_or_zero_occ_atoms.auth_seq_id 
_pdbx_unobs_or_zero_occ_atoms.PDB_ins_code 
_pdbx_unobs_or_zero_occ_atoms.auth_atom_id 
_pdbx_unobs_or_zero_occ_atoms.label_alt_id 
_pdbx_unobs_or_zero_occ_atoms.label_asym_id 
_pdbx_unobs_or_zero_occ_atoms.label_comp_id 
_pdbx_unobs_or_zero_occ_atoms.label_seq_id 
_pdbx_unobs_or_zero_occ_atoms.label_atom_id 
1  1 Y 1 A DT 1  ? "O5'" ? A DT 1 "O5'" 
2  1 Y 1 A DT 1  ? "C5'" ? A DT 1 "C5'" 
3  1 Y 1 A DT 1  ? "C4'" ? A DT 1 "C4'" 
4  1 Y 1 A DT 1  ? "O4'" ? A DT 1 "O4'" 
5  1 Y 1 A DT 1  ? "C3'" ? A DT 1 "C3'" 
6  1 Y 1 A DT 1  ? "C2'" ? A DT 1 "C2'" 
7  1 Y 1 A DT 1  ? "C1'" ? A DT 1 "C1'" 
8  1 Y 1 A DT 1  ? N1    ? A DT 1 N1    
9  1 Y 1 A DT 1  ? C2    ? A DT 1 C2    
10 1 Y 1 A DT 1  ? O2    ? A DT 1 O2    
11 1 Y 1 A DT 1  ? N3    ? A DT 1 N3    
12 1 Y 1 A DT 1  ? C4    ? A DT 1 C4    
13 1 Y 1 A DT 1  ? O4    ? A DT 1 O4    
14 1 Y 1 A DT 1  ? C5    ? A DT 1 C5    
15 1 Y 1 A DT 1  ? C7    ? A DT 1 C7    
16 1 Y 1 A DT 1  ? C6    ? A DT 1 C6    
17 1 Y 1 B DT 10 ? "O5'" ? B DT 1 "O5'" 
18 1 Y 1 B DT 10 ? "C5'" ? B DT 1 "C5'" 
19 1 Y 1 B DT 10 ? "C4'" ? B DT 1 "C4'" 
20 1 Y 1 B DT 10 ? "O4'" ? B DT 1 "O4'" 
21 1 Y 1 B DT 10 ? "C3'" ? B DT 1 "C3'" 
22 1 Y 1 B DT 10 ? "C2'" ? B DT 1 "C2'" 
23 1 Y 1 B DT 10 ? "C1'" ? B DT 1 "C1'" 
24 1 Y 1 B DT 10 ? N1    ? B DT 1 N1    
25 1 Y 1 B DT 10 ? C2    ? B DT 1 C2    
26 1 Y 1 B DT 10 ? O2    ? B DT 1 O2    
27 1 Y 1 B DT 10 ? N3    ? B DT 1 N3    
28 1 Y 1 B DT 10 ? C4    ? B DT 1 C4    
29 1 Y 1 B DT 10 ? O4    ? B DT 1 O4    
30 1 Y 1 B DT 10 ? C5    ? B DT 1 C5    
31 1 Y 1 B DT 10 ? C7    ? B DT 1 C7    
32 1 Y 1 B DT 10 ? C6    ? B DT 1 C6    
# 
loop_
_software.name 
_software.classification 
_software.version 
_software.citation_id 
_software.pdbx_ordinal 
DENZO     'data reduction' . ? 1 
SCALEPACK 'data scaling'   . ? 2 
ULTIMA    'model building' . ? 3 
SHELXL-97 refinement       . ? 4 
ULTIMA    phasing          . ? 5 
# 
_cell.entry_id           1XJX 
_cell.length_a           41.032 
_cell.length_b           41.032 
_cell.length_c           23.800 
_cell.angle_alpha        90.00 
_cell.angle_beta         90.00 
_cell.angle_gamma        90.00 
_cell.Z_PDB              4 
_cell.pdbx_unique_axis   ? 
# 
_symmetry.entry_id                         1XJX 
_symmetry.space_group_name_H-M             'P 43' 
_symmetry.pdbx_full_space_group_name_H-M   ? 
_symmetry.cell_setting                     ? 
_symmetry.Int_Tables_number                78 
_symmetry.space_group_name_Hall            ? 
# 
_exptl.entry_id          1XJX 
_exptl.method            'X-RAY DIFFRACTION' 
_exptl.crystals_number   1 
# 
_exptl_crystal.id                    1 
_exptl_crystal.density_meas          ? 
_exptl_crystal.density_Matthews      1.83 
_exptl_crystal.density_percent_sol   32.92 
_exptl_crystal.description           ? 
_exptl_crystal.F_000                 ? 
_exptl_crystal.preparation           ? 
# 
_exptl_crystal_grow.crystal_id      1 
_exptl_crystal_grow.method          'VAPOR DIFFUSION, HANGING DROP' 
_exptl_crystal_grow.temp            293 
_exptl_crystal_grow.temp_details    ? 
_exptl_crystal_grow.pH              6.5 
_exptl_crystal_grow.pdbx_details    
'MPD, magnesium chloride, sodium cacodylate acid, pH 6.5, VAPOR DIFFUSION, HANGING DROP, temperature 293K' 
_exptl_crystal_grow.pdbx_pH_range   . 
# 
loop_
_exptl_crystal_grow_comp.crystal_id 
_exptl_crystal_grow_comp.id 
_exptl_crystal_grow_comp.sol_id 
_exptl_crystal_grow_comp.name 
_exptl_crystal_grow_comp.volume 
_exptl_crystal_grow_comp.conc 
_exptl_crystal_grow_comp.details 
1 1 1 MPD                      ? ? ? 
1 2 1 'magnesium chloride'     ? ? ? 
1 3 1 'sodium cacodylate acid' ? ? ? 
1 4 1 H2O                      ? ? ? 
1 5 2 MPD                      ? ? ? 
1 6 2 'magnesium chloride'     ? ? ? 
1 7 2 'sodium cacodylate acid' ? ? ? 
1 8 2 H2O                      ? ? ? 
# 
_diffrn.id                     1 
_diffrn.ambient_temp           100 
_diffrn.ambient_temp_details   ? 
_diffrn.crystal_id             1 
# 
_diffrn_detector.diffrn_id              1 
_diffrn_detector.detector               'IMAGE PLATE' 
_diffrn_detector.type                   'RIGAKU RAXIS IV++' 
_diffrn_detector.pdbx_collection_date   ? 
_diffrn_detector.details                'OSMIC CONFOCAL MIRROR' 
# 
_diffrn_radiation.diffrn_id                        1 
_diffrn_radiation.wavelength_id                    1 
_diffrn_radiation.pdbx_monochromatic_or_laue_m_l   M 
_diffrn_radiation.monochromator                    ? 
_diffrn_radiation.pdbx_diffrn_protocol             'SINGLE WAVELENGTH' 
_diffrn_radiation.pdbx_scattering_type             x-ray 
# 
loop_
_diffrn_radiation_wavelength.id 
_diffrn_radiation_wavelength.wavelength 
_diffrn_radiation_wavelength.wt 
1 1.54   1.0 
2 1.5418 1.0 
# 
_diffrn_source.diffrn_id                   1 
_diffrn_source.source                      'ROTATING ANODE' 
_diffrn_source.type                        'RIGAKU RUH3R' 
_diffrn_source.pdbx_synchrotron_site       ? 
_diffrn_source.pdbx_synchrotron_beamline   ? 
_diffrn_source.pdbx_wavelength             1.54 
_diffrn_source.pdbx_wavelength_list        1.5418 
# 
_reflns.entry_id                     1XJX 
_reflns.observed_criterion_sigma_I   ? 
_reflns.observed_criterion_sigma_F   ? 
_reflns.d_resolution_low             18.4 
_reflns.d_resolution_high            1.7 
_reflns.number_obs                   4315 
_reflns.number_all                   ? 
_reflns.percent_possible_obs         95.9 
_reflns.pdbx_Rmerge_I_obs            ? 
_reflns.pdbx_Rsym_value              0.039 
_reflns.pdbx_netI_over_sigmaI        39.3 
_reflns.B_iso_Wilson_estimate        ? 
_reflns.pdbx_redundancy              3.3 
_reflns.R_free_details               ? 
_reflns.pdbx_chi_squared             ? 
_reflns.pdbx_scaling_rejects         ? 
_reflns.pdbx_diffrn_id               1 
_reflns.pdbx_ordinal                 1 
# 
_reflns_shell.d_res_high             1.70 
_reflns_shell.d_res_low              1.73 
_reflns_shell.percent_possible_all   78.4 
_reflns_shell.Rmerge_I_obs           ? 
_reflns_shell.pdbx_Rsym_value        0.236 
_reflns_shell.meanI_over_sigI_obs    4.9 
_reflns_shell.pdbx_redundancy        1.9 
_reflns_shell.percent_possible_obs   ? 
_reflns_shell.number_unique_all      ? 
_reflns_shell.number_measured_all    ? 
_reflns_shell.number_measured_obs    ? 
_reflns_shell.number_unique_obs      ? 
_reflns_shell.pdbx_chi_squared       ? 
_reflns_shell.pdbx_diffrn_id         ? 
_reflns_shell.pdbx_ordinal           1 
# 
_refine.entry_id                                 1XJX 
_refine.ls_number_reflns_obs                     ? 
_refine.ls_number_reflns_all                     4227 
_refine.pdbx_ls_sigma_I                          ? 
_refine.pdbx_ls_sigma_F                          0.0 
_refine.pdbx_data_cutoff_high_absF               ? 
_refine.pdbx_data_cutoff_low_absF                ? 
_refine.pdbx_data_cutoff_high_rms_absF           ? 
_refine.ls_d_res_low                             15.00 
_refine.ls_d_res_high                            1.70 
_refine.ls_percent_reflns_obs                    89.7 
_refine.ls_R_factor_obs                          0.1658 
_refine.ls_R_factor_all                          0.1658 
_refine.ls_R_factor_R_work                       0.1617 
_refine.ls_R_factor_R_free                       0.2506 
_refine.ls_R_factor_R_free_error                 ? 
_refine.ls_R_factor_R_free_error_details         ? 
_refine.ls_percent_reflns_R_free                 5.0 
_refine.ls_number_reflns_R_free                  210 
_refine.ls_number_parameters                     1744 
_refine.ls_number_restraints                     5767 
_refine.occupancy_min                            ? 
_refine.occupancy_max                            ? 
_refine.correlation_coeff_Fo_to_Fc               ? 
_refine.correlation_coeff_Fo_to_Fc_free          ? 
_refine.B_iso_mean                               ? 
_refine.aniso_B[1][1]                            ? 
_refine.aniso_B[2][2]                            ? 
_refine.aniso_B[3][3]                            ? 
_refine.aniso_B[1][2]                            ? 
_refine.aniso_B[1][3]                            ? 
_refine.aniso_B[2][3]                            ? 
_refine.solvent_model_details                    ? 
_refine.solvent_model_param_ksol                 ? 
_refine.solvent_model_param_bsol                 ? 
_refine.pdbx_solvent_vdw_probe_radii             ? 
_refine.pdbx_solvent_ion_probe_radii             ? 
_refine.pdbx_solvent_shrinkage_radii             ? 
_refine.pdbx_ls_cross_valid_method               THROUGHOUT 
_refine.details                                  
'ANISOTROPIC SCALING APPLIED BY THE METHOD OF PARKIN, MOEZZI & HOPE, J.APPL.CRYST.28(1995)53-56' 
_refine.pdbx_starting_model                      'FIBER A-DNA' 
_refine.pdbx_method_to_determine_struct          'MOLECULAR REPLACEMENT' 
_refine.pdbx_isotropic_thermal_model             ? 
_refine.pdbx_stereochemistry_target_values       
;L.CLOWNEY ET AL.,J.AM.CHEM.SOC.118(1996)509-518, A.GELBIN ET AL.,J.AM.CHEM.SOC.118(1996)519-529, G.PARKINSON ET AL.,ACTA CRYST.D52(1996)57-64
;
_refine.pdbx_stereochem_target_val_spec_case     ? 
_refine.pdbx_R_Free_selection_details            RANDOM 
_refine.pdbx_overall_ESU_R                       ? 
_refine.pdbx_overall_ESU_R_Free                  ? 
_refine.overall_SU_ML                            ? 
_refine.overall_SU_B                             ? 
_refine.ls_redundancy_reflns_obs                 ? 
_refine.overall_SU_R_Cruickshank_DPI             ? 
_refine.overall_SU_R_free                        ? 
_refine.ls_wR_factor_R_free                      ? 
_refine.ls_wR_factor_R_work                      ? 
_refine.overall_FOM_free_R_set                   ? 
_refine.overall_FOM_work_R_set                   ? 
_refine.pdbx_refine_id                           'X-RAY DIFFRACTION' 
_refine.pdbx_diffrn_id                           1 
_refine.pdbx_TLS_residual_ADP_flag               ? 
_refine.pdbx_overall_phase_error                 ? 
_refine.pdbx_overall_SU_R_free_Cruickshank_DPI   ? 
_refine.pdbx_overall_SU_R_Blow_DPI               ? 
_refine.pdbx_overall_SU_R_free_Blow_DPI          ? 
# 
_refine_analyze.entry_id                        1XJX 
_refine_analyze.Luzzati_coordinate_error_obs    ? 
_refine_analyze.Luzzati_sigma_a_obs             ? 
_refine_analyze.Luzzati_d_res_low_obs           ? 
_refine_analyze.Luzzati_coordinate_error_free   ? 
_refine_analyze.Luzzati_sigma_a_free            ? 
_refine_analyze.Luzzati_d_res_low_free          ? 
_refine_analyze.number_disordered_residues      0 
_refine_analyze.occupancy_sum_hydrogen          0.00 
_refine_analyze.occupancy_sum_non_hydrogen      432.00 
_refine_analyze.pdbx_refine_id                  'X-RAY DIFFRACTION' 
# 
_refine_hist.pdbx_refine_id                   'X-RAY DIFFRACTION' 
_refine_hist.cycle_id                         LAST 
_refine_hist.pdbx_number_atoms_protein        0 
_refine_hist.pdbx_number_atoms_nucleic_acid   330 
_refine_hist.pdbx_number_atoms_ligand         0 
_refine_hist.number_atoms_solvent             102 
_refine_hist.number_atoms_total               432 
_refine_hist.d_res_high                       1.70 
_refine_hist.d_res_low                        15.00 
# 
loop_
_refine_ls_restr.type 
_refine_ls_restr.dev_ideal 
_refine_ls_restr.dev_ideal_target 
_refine_ls_restr.weight 
_refine_ls_restr.number 
_refine_ls_restr.pdbx_refine_id 
_refine_ls_restr.pdbx_restraint_function 
s_bond_d               0.008  ? ? ? 'X-RAY DIFFRACTION' ? 
s_angle_d              0.025  ? ? ? 'X-RAY DIFFRACTION' ? 
s_similar_dist         0.025  ? ? ? 'X-RAY DIFFRACTION' ? 
s_from_restr_planes    0.0007 ? ? ? 'X-RAY DIFFRACTION' ? 
s_zero_chiral_vol      0.000  ? ? ? 'X-RAY DIFFRACTION' ? 
s_non_zero_chiral_vol  0.006  ? ? ? 'X-RAY DIFFRACTION' ? 
s_anti_bump_dis_restr  0.007  ? ? ? 'X-RAY DIFFRACTION' ? 
s_rigid_bond_adp_cmpnt 0.000  ? ? ? 'X-RAY DIFFRACTION' ? 
s_similar_adp_cmpnt    0.091  ? ? ? 'X-RAY DIFFRACTION' ? 
s_approx_iso_adps      0.000  ? ? ? 'X-RAY DIFFRACTION' ? 
# 
_pdbx_refine.entry_id                                    1XJX 
_pdbx_refine.R_factor_all_no_cutoff                      ? 
_pdbx_refine.R_factor_obs_no_cutoff                      0.1617 
_pdbx_refine.free_R_factor_no_cutoff                     0.2506 
_pdbx_refine.free_R_val_test_set_size_perc_no_cutoff     5.0 
_pdbx_refine.free_R_val_test_set_ct_no_cutoff            210 
_pdbx_refine.R_factor_all_4sig_cutoff                    ? 
_pdbx_refine.R_factor_obs_4sig_cutoff                    0.1571 
_pdbx_refine.free_R_factor_4sig_cutoff                   0.2376 
_pdbx_refine.free_R_val_test_set_size_perc_4sig_cutoff   5.0 
_pdbx_refine.free_R_val_test_set_ct_4sig_cutoff          195 
_pdbx_refine.number_reflns_obs_4sig_cutoff               3905 
_pdbx_refine.number_reflns_obs_no_cutoff                 ? 
_pdbx_refine.pdbx_refine_id                              'X-RAY DIFFRACTION' 
_pdbx_refine.free_R_error_no_cutoff                      ? 
# 
_struct.entry_id                  1XJX 
_struct.title                     'The crystal structures of the DNA binding sites of the RUNX1 transcription factor' 
_struct.pdbx_model_details        ? 
_struct.pdbx_CASP_flag            ? 
_struct.pdbx_model_type_details   ? 
# 
_struct_keywords.entry_id        1XJX 
_struct_keywords.pdbx_keywords   DNA 
_struct_keywords.text            'A-DNA, DOUBLE HELIX, OVERHANGING BASES, RUNX1, DNA' 
# 
loop_
_struct_asym.id 
_struct_asym.pdbx_blank_PDB_chainid_flag 
_struct_asym.pdbx_modified 
_struct_asym.entity_id 
_struct_asym.details 
A N N 1 ? 
B N N 2 ? 
C N N 3 ? 
D N N 3 ? 
# 
loop_
_struct_ref.id 
_struct_ref.entity_id 
_struct_ref.db_name 
_struct_ref.db_code 
_struct_ref.pdbx_db_accession 
_struct_ref.pdbx_db_isoform 
_struct_ref.pdbx_seq_one_letter_code 
_struct_ref.pdbx_align_begin 
1 1 PDB 1XJX 1XJX ? ? ? 
2 2 PDB 1XJX 1XJX ? ? ? 
# 
loop_
_struct_ref_seq.align_id 
_struct_ref_seq.ref_id 
_struct_ref_seq.pdbx_PDB_id_code 
_struct_ref_seq.pdbx_strand_id 
_struct_ref_seq.seq_align_beg 
_struct_ref_seq.pdbx_seq_align_beg_ins_code 
_struct_ref_seq.seq_align_end 
_struct_ref_seq.pdbx_seq_align_end_ins_code 
_struct_ref_seq.pdbx_db_accession 
_struct_ref_seq.db_align_beg 
_struct_ref_seq.pdbx_db_align_beg_ins_code 
_struct_ref_seq.db_align_end 
_struct_ref_seq.pdbx_db_align_end_ins_code 
_struct_ref_seq.pdbx_auth_seq_align_beg 
_struct_ref_seq.pdbx_auth_seq_align_end 
1 1 1XJX A 1 ? 9 ? 1XJX 1  ? 9  ? 1  9  
2 2 1XJX B 1 ? 9 ? 1XJX 10 ? 18 ? 10 18 
# 
_pdbx_struct_assembly.id                   1 
_pdbx_struct_assembly.details              author_defined_assembly 
_pdbx_struct_assembly.method_details       ? 
_pdbx_struct_assembly.oligomeric_details   dimeric 
_pdbx_struct_assembly.oligomeric_count     2 
# 
_pdbx_struct_assembly_gen.assembly_id       1 
_pdbx_struct_assembly_gen.oper_expression   1 
_pdbx_struct_assembly_gen.asym_id_list      A,B,C,D 
# 
_pdbx_struct_oper_list.id                   1 
_pdbx_struct_oper_list.type                 'identity operation' 
_pdbx_struct_oper_list.name                 1_555 
_pdbx_struct_oper_list.symmetry_operation   x,y,z 
_pdbx_struct_oper_list.matrix[1][1]         1.0000000000 
_pdbx_struct_oper_list.matrix[1][2]         0.0000000000 
_pdbx_struct_oper_list.matrix[1][3]         0.0000000000 
_pdbx_struct_oper_list.vector[1]            0.0000000000 
_pdbx_struct_oper_list.matrix[2][1]         0.0000000000 
_pdbx_struct_oper_list.matrix[2][2]         1.0000000000 
_pdbx_struct_oper_list.matrix[2][3]         0.0000000000 
_pdbx_struct_oper_list.vector[2]            0.0000000000 
_pdbx_struct_oper_list.matrix[3][1]         0.0000000000 
_pdbx_struct_oper_list.matrix[3][2]         0.0000000000 
_pdbx_struct_oper_list.matrix[3][3]         1.0000000000 
_pdbx_struct_oper_list.vector[3]            0.0000000000 
# 
_struct_biol.id                    1 
_struct_biol.pdbx_parent_biol_id   ? 
_struct_biol.details               ? 
# 
loop_
_struct_conn.id 
_struct_conn.conn_type_id 
_struct_conn.pdbx_leaving_atom_flag 
_struct_conn.pdbx_PDB_id 
_struct_conn.ptnr1_label_asym_id 
_struct_conn.ptnr1_label_comp_id 
_struct_conn.ptnr1_label_seq_id 
_struct_conn.ptnr1_label_atom_id 
_struct_conn.pdbx_ptnr1_label_alt_id 
_struct_conn.pdbx_ptnr1_PDB_ins_code 
_struct_conn.pdbx_ptnr1_standard_comp_id 
_struct_conn.ptnr1_symmetry 
_struct_conn.ptnr2_label_asym_id 
_struct_conn.ptnr2_label_comp_id 
_struct_conn.ptnr2_label_seq_id 
_struct_conn.ptnr2_label_atom_id 
_struct_conn.pdbx_ptnr2_label_alt_id 
_struct_conn.pdbx_ptnr2_PDB_ins_code 
_struct_conn.ptnr1_auth_asym_id 
_struct_conn.ptnr1_auth_comp_id 
_struct_conn.ptnr1_auth_seq_id 
_struct_conn.ptnr2_auth_asym_id 
_struct_conn.ptnr2_auth_comp_id 
_struct_conn.ptnr2_auth_seq_id 
_struct_conn.ptnr2_symmetry 
_struct_conn.pdbx_ptnr3_label_atom_id 
_struct_conn.pdbx_ptnr3_label_seq_id 
_struct_conn.pdbx_ptnr3_label_comp_id 
_struct_conn.pdbx_ptnr3_label_asym_id 
_struct_conn.pdbx_ptnr3_label_alt_id 
_struct_conn.pdbx_ptnr3_PDB_ins_code 
_struct_conn.details 
_struct_conn.pdbx_dist_value 
_struct_conn.pdbx_value_order 
_struct_conn.pdbx_role 
hydrog1  hydrog ? ? A DC 2 N3 ? ? ? 1_555 B DG 9 N1 ? ? A DC 2 B DG 18 1_555 ? ? ? ? ? ? WATSON-CRICK ? ? ? 
hydrog2  hydrog ? ? A DC 2 N4 ? ? ? 1_555 B DG 9 O6 ? ? A DC 2 B DG 18 1_555 ? ? ? ? ? ? WATSON-CRICK ? ? ? 
hydrog3  hydrog ? ? A DC 2 O2 ? ? ? 1_555 B DG 9 N2 ? ? A DC 2 B DG 18 1_555 ? ? ? ? ? ? WATSON-CRICK ? ? ? 
hydrog4  hydrog ? ? A DT 3 N3 ? ? ? 1_555 B DA 8 N1 ? ? A DT 3 B DA 17 1_555 ? ? ? ? ? ? WATSON-CRICK ? ? ? 
hydrog5  hydrog ? ? A DT 3 O4 ? ? ? 1_555 B DA 8 N6 ? ? A DT 3 B DA 17 1_555 ? ? ? ? ? ? WATSON-CRICK ? ? ? 
hydrog6  hydrog ? ? A DG 4 N1 ? ? ? 1_555 B DC 7 N3 ? ? A DG 4 B DC 16 1_555 ? ? ? ? ? ? WATSON-CRICK ? ? ? 
hydrog7  hydrog ? ? A DG 4 N2 ? ? ? 1_555 B DC 7 O2 ? ? A DG 4 B DC 16 1_555 ? ? ? ? ? ? WATSON-CRICK ? ? ? 
hydrog8  hydrog ? ? A DG 4 O6 ? ? ? 1_555 B DC 7 N4 ? ? A DG 4 B DC 16 1_555 ? ? ? ? ? ? WATSON-CRICK ? ? ? 
hydrog9  hydrog ? ? A DC 5 N3 ? ? ? 1_555 B DG 6 N1 ? ? A DC 5 B DG 15 1_555 ? ? ? ? ? ? WATSON-CRICK ? ? ? 
hydrog10 hydrog ? ? A DC 5 N4 ? ? ? 1_555 B DG 6 O6 ? ? A DC 5 B DG 15 1_555 ? ? ? ? ? ? WATSON-CRICK ? ? ? 
hydrog11 hydrog ? ? A DC 5 O2 ? ? ? 1_555 B DG 6 N2 ? ? A DC 5 B DG 15 1_555 ? ? ? ? ? ? WATSON-CRICK ? ? ? 
hydrog12 hydrog ? ? A DG 6 N1 ? ? ? 1_555 B DC 5 N3 ? ? A DG 6 B DC 14 1_555 ? ? ? ? ? ? WATSON-CRICK ? ? ? 
hydrog13 hydrog ? ? A DG 6 N2 ? ? ? 1_555 B DC 5 O2 ? ? A DG 6 B DC 14 1_555 ? ? ? ? ? ? WATSON-CRICK ? ? ? 
hydrog14 hydrog ? ? A DG 6 O6 ? ? ? 1_555 B DC 5 N4 ? ? A DG 6 B DC 14 1_555 ? ? ? ? ? ? WATSON-CRICK ? ? ? 
hydrog15 hydrog ? ? A DG 7 N1 ? ? ? 1_555 B DC 4 N3 ? ? A DG 7 B DC 13 1_555 ? ? ? ? ? ? WATSON-CRICK ? ? ? 
hydrog16 hydrog ? ? A DG 7 N2 ? ? ? 1_555 B DC 4 O2 ? ? A DG 7 B DC 13 1_555 ? ? ? ? ? ? WATSON-CRICK ? ? ? 
hydrog17 hydrog ? ? A DG 7 O6 ? ? ? 1_555 B DC 4 N4 ? ? A DG 7 B DC 13 1_555 ? ? ? ? ? ? WATSON-CRICK ? ? ? 
hydrog18 hydrog ? ? A DT 8 N3 ? ? ? 1_555 B DA 3 N1 ? ? A DT 8 B DA 12 1_555 ? ? ? ? ? ? WATSON-CRICK ? ? ? 
hydrog19 hydrog ? ? A DT 8 O4 ? ? ? 1_555 B DA 3 N6 ? ? A DT 8 B DA 12 1_555 ? ? ? ? ? ? WATSON-CRICK ? ? ? 
hydrog20 hydrog ? ? A DC 9 N3 ? ? ? 1_555 B DG 2 N1 ? ? A DC 9 B DG 11 1_555 ? ? ? ? ? ? WATSON-CRICK ? ? ? 
hydrog21 hydrog ? ? A DC 9 N4 ? ? ? 1_555 B DG 2 O6 ? ? A DC 9 B DG 11 1_555 ? ? ? ? ? ? WATSON-CRICK ? ? ? 
hydrog22 hydrog ? ? A DC 9 O2 ? ? ? 1_555 B DG 2 N2 ? ? A DC 9 B DG 11 1_555 ? ? ? ? ? ? WATSON-CRICK ? ? ? 
# 
_struct_conn_type.id          hydrog 
_struct_conn_type.criteria    ? 
_struct_conn_type.reference   ? 
# 
loop_
_pdbx_validate_rmsd_angle.id 
_pdbx_validate_rmsd_angle.PDB_model_num 
_pdbx_validate_rmsd_angle.auth_atom_id_1 
_pdbx_validate_rmsd_angle.auth_asym_id_1 
_pdbx_validate_rmsd_angle.auth_comp_id_1 
_pdbx_validate_rmsd_angle.auth_seq_id_1 
_pdbx_validate_rmsd_angle.PDB_ins_code_1 
_pdbx_validate_rmsd_angle.label_alt_id_1 
_pdbx_validate_rmsd_angle.auth_atom_id_2 
_pdbx_validate_rmsd_angle.auth_asym_id_2 
_pdbx_validate_rmsd_angle.auth_comp_id_2 
_pdbx_validate_rmsd_angle.auth_seq_id_2 
_pdbx_validate_rmsd_angle.PDB_ins_code_2 
_pdbx_validate_rmsd_angle.label_alt_id_2 
_pdbx_validate_rmsd_angle.auth_atom_id_3 
_pdbx_validate_rmsd_angle.auth_asym_id_3 
_pdbx_validate_rmsd_angle.auth_comp_id_3 
_pdbx_validate_rmsd_angle.auth_seq_id_3 
_pdbx_validate_rmsd_angle.PDB_ins_code_3 
_pdbx_validate_rmsd_angle.label_alt_id_3 
_pdbx_validate_rmsd_angle.angle_value 
_pdbx_validate_rmsd_angle.angle_target_value 
_pdbx_validate_rmsd_angle.angle_deviation 
_pdbx_validate_rmsd_angle.angle_standard_deviation 
_pdbx_validate_rmsd_angle.linker_flag 
1  1 C6    A DC 2  ? ? N1    A DC 2  ? ? C2 A DC 2  ? ? 123.39 120.30 3.09  0.40 N 
2  1 N3    A DC 2  ? ? C2    A DC 2  ? ? O2 A DC 2  ? ? 126.17 121.90 4.27  0.70 N 
3  1 N1    A DG 4  ? ? C6    A DG 4  ? ? O6 A DG 4  ? ? 123.81 119.90 3.91  0.60 N 
4  1 C5    A DG 4  ? ? C6    A DG 4  ? ? O6 A DG 4  ? ? 124.86 128.60 -3.74 0.60 N 
5  1 "C3'" A DC 5  ? ? "O3'" A DC 5  ? ? P  A DG 6  ? ? 109.82 119.70 -9.88 1.20 Y 
6  1 "C3'" A DG 7  ? ? "O3'" A DG 7  ? ? P  A DT 8  ? ? 131.94 119.70 12.24 1.20 Y 
7  1 "O4'" A DC 9  ? ? "C1'" A DC 9  ? ? N1 A DC 9  ? ? 111.94 108.30 3.64  0.30 N 
8  1 C2    A DC 9  ? ? N3    A DC 9  ? ? C4 A DC 9  ? ? 123.24 119.90 3.34  0.50 N 
9  1 N1    B DG 11 ? ? C6    B DG 11 ? ? O6 B DG 11 ? ? 123.78 119.90 3.88  0.60 N 
10 1 C5    B DG 11 ? ? C6    B DG 11 ? ? O6 B DG 11 ? ? 123.81 128.60 -4.79 0.60 N 
11 1 N3    B DC 13 ? ? C4    B DC 13 ? ? C5 B DC 13 ? ? 119.08 121.90 -2.82 0.40 N 
12 1 C5    B DC 13 ? ? C4    B DC 13 ? ? N4 B DC 13 ? ? 125.31 120.20 5.11  0.70 N 
13 1 C6    B DG 15 ? ? N1    B DG 15 ? ? C2 B DG 15 ? ? 121.08 125.10 -4.02 0.60 N 
14 1 N3    B DG 15 ? ? C4    B DG 15 ? ? C5 B DG 15 ? ? 124.19 128.60 -4.41 0.50 N 
15 1 N3    B DG 15 ? ? C4    B DG 15 ? ? N9 B DG 15 ? ? 130.10 126.00 4.10  0.60 N 
16 1 N1    B DC 16 ? ? C2    B DC 16 ? ? O2 B DC 16 ? ? 123.16 118.90 4.26  0.60 N 
17 1 "O4'" B DA 17 ? ? "C1'" B DA 17 ? ? N9 B DA 17 ? ? 111.31 108.30 3.01  0.30 N 
18 1 N1    B DG 18 ? ? C6    B DG 18 ? ? O6 B DG 18 ? ? 124.62 119.90 4.72  0.60 N 
19 1 C5    B DG 18 ? ? C6    B DG 18 ? ? O6 B DG 18 ? ? 123.69 128.60 -4.91 0.60 N 
# 
loop_
_chem_comp_atom.comp_id 
_chem_comp_atom.atom_id 
_chem_comp_atom.type_symbol 
_chem_comp_atom.pdbx_aromatic_flag 
_chem_comp_atom.pdbx_stereo_config 
_chem_comp_atom.pdbx_ordinal 
DA  OP3    O N N 1   
DA  P      P N N 2   
DA  OP1    O N N 3   
DA  OP2    O N N 4   
DA  "O5'"  O N N 5   
DA  "C5'"  C N N 6   
DA  "C4'"  C N R 7   
DA  "O4'"  O N N 8   
DA  "C3'"  C N S 9   
DA  "O3'"  O N N 10  
DA  "C2'"  C N N 11  
DA  "C1'"  C N R 12  
DA  N9     N Y N 13  
DA  C8     C Y N 14  
DA  N7     N Y N 15  
DA  C5     C Y N 16  
DA  C6     C Y N 17  
DA  N6     N N N 18  
DA  N1     N Y N 19  
DA  C2     C Y N 20  
DA  N3     N Y N 21  
DA  C4     C Y N 22  
DA  HOP3   H N N 23  
DA  HOP2   H N N 24  
DA  "H5'"  H N N 25  
DA  "H5''" H N N 26  
DA  "H4'"  H N N 27  
DA  "H3'"  H N N 28  
DA  "HO3'" H N N 29  
DA  "H2'"  H N N 30  
DA  "H2''" H N N 31  
DA  "H1'"  H N N 32  
DA  H8     H N N 33  
DA  H61    H N N 34  
DA  H62    H N N 35  
DA  H2     H N N 36  
DC  OP3    O N N 37  
DC  P      P N N 38  
DC  OP1    O N N 39  
DC  OP2    O N N 40  
DC  "O5'"  O N N 41  
DC  "C5'"  C N N 42  
DC  "C4'"  C N R 43  
DC  "O4'"  O N N 44  
DC  "C3'"  C N S 45  
DC  "O3'"  O N N 46  
DC  "C2'"  C N N 47  
DC  "C1'"  C N R 48  
DC  N1     N N N 49  
DC  C2     C N N 50  
DC  O2     O N N 51  
DC  N3     N N N 52  
DC  C4     C N N 53  
DC  N4     N N N 54  
DC  C5     C N N 55  
DC  C6     C N N 56  
DC  HOP3   H N N 57  
DC  HOP2   H N N 58  
DC  "H5'"  H N N 59  
DC  "H5''" H N N 60  
DC  "H4'"  H N N 61  
DC  "H3'"  H N N 62  
DC  "HO3'" H N N 63  
DC  "H2'"  H N N 64  
DC  "H2''" H N N 65  
DC  "H1'"  H N N 66  
DC  H41    H N N 67  
DC  H42    H N N 68  
DC  H5     H N N 69  
DC  H6     H N N 70  
DG  OP3    O N N 71  
DG  P      P N N 72  
DG  OP1    O N N 73  
DG  OP2    O N N 74  
DG  "O5'"  O N N 75  
DG  "C5'"  C N N 76  
DG  "C4'"  C N R 77  
DG  "O4'"  O N N 78  
DG  "C3'"  C N S 79  
DG  "O3'"  O N N 80  
DG  "C2'"  C N N 81  
DG  "C1'"  C N R 82  
DG  N9     N Y N 83  
DG  C8     C Y N 84  
DG  N7     N Y N 85  
DG  C5     C Y N 86  
DG  C6     C N N 87  
DG  O6     O N N 88  
DG  N1     N N N 89  
DG  C2     C N N 90  
DG  N2     N N N 91  
DG  N3     N N N 92  
DG  C4     C Y N 93  
DG  HOP3   H N N 94  
DG  HOP2   H N N 95  
DG  "H5'"  H N N 96  
DG  "H5''" H N N 97  
DG  "H4'"  H N N 98  
DG  "H3'"  H N N 99  
DG  "HO3'" H N N 100 
DG  "H2'"  H N N 101 
DG  "H2''" H N N 102 
DG  "H1'"  H N N 103 
DG  H8     H N N 104 
DG  H1     H N N 105 
DG  H21    H N N 106 
DG  H22    H N N 107 
DT  OP3    O N N 108 
DT  P      P N N 109 
DT  OP1    O N N 110 
DT  OP2    O N N 111 
DT  "O5'"  O N N 112 
DT  "C5'"  C N N 113 
DT  "C4'"  C N R 114 
DT  "O4'"  O N N 115 
DT  "C3'"  C N S 116 
DT  "O3'"  O N N 117 
DT  "C2'"  C N N 118 
DT  "C1'"  C N R 119 
DT  N1     N N N 120 
DT  C2     C N N 121 
DT  O2     O N N 122 
DT  N3     N N N 123 
DT  C4     C N N 124 
DT  O4     O N N 125 
DT  C5     C N N 126 
DT  C7     C N N 127 
DT  C6     C N N 128 
DT  HOP3   H N N 129 
DT  HOP2   H N N 130 
DT  "H5'"  H N N 131 
DT  "H5''" H N N 132 
DT  "H4'"  H N N 133 
DT  "H3'"  H N N 134 
DT  "HO3'" H N N 135 
DT  "H2'"  H N N 136 
DT  "H2''" H N N 137 
DT  "H1'"  H N N 138 
DT  H3     H N N 139 
DT  H71    H N N 140 
DT  H72    H N N 141 
DT  H73    H N N 142 
DT  H6     H N N 143 
HOH O      O N N 144 
HOH H1     H N N 145 
HOH H2     H N N 146 
# 
loop_
_chem_comp_bond.comp_id 
_chem_comp_bond.atom_id_1 
_chem_comp_bond.atom_id_2 
_chem_comp_bond.value_order 
_chem_comp_bond.pdbx_aromatic_flag 
_chem_comp_bond.pdbx_stereo_config 
_chem_comp_bond.pdbx_ordinal 
DA  OP3   P      sing N N 1   
DA  OP3   HOP3   sing N N 2   
DA  P     OP1    doub N N 3   
DA  P     OP2    sing N N 4   
DA  P     "O5'"  sing N N 5   
DA  OP2   HOP2   sing N N 6   
DA  "O5'" "C5'"  sing N N 7   
DA  "C5'" "C4'"  sing N N 8   
DA  "C5'" "H5'"  sing N N 9   
DA  "C5'" "H5''" sing N N 10  
DA  "C4'" "O4'"  sing N N 11  
DA  "C4'" "C3'"  sing N N 12  
DA  "C4'" "H4'"  sing N N 13  
DA  "O4'" "C1'"  sing N N 14  
DA  "C3'" "O3'"  sing N N 15  
DA  "C3'" "C2'"  sing N N 16  
DA  "C3'" "H3'"  sing N N 17  
DA  "O3'" "HO3'" sing N N 18  
DA  "C2'" "C1'"  sing N N 19  
DA  "C2'" "H2'"  sing N N 20  
DA  "C2'" "H2''" sing N N 21  
DA  "C1'" N9     sing N N 22  
DA  "C1'" "H1'"  sing N N 23  
DA  N9    C8     sing Y N 24  
DA  N9    C4     sing Y N 25  
DA  C8    N7     doub Y N 26  
DA  C8    H8     sing N N 27  
DA  N7    C5     sing Y N 28  
DA  C5    C6     sing Y N 29  
DA  C5    C4     doub Y N 30  
DA  C6    N6     sing N N 31  
DA  C6    N1     doub Y N 32  
DA  N6    H61    sing N N 33  
DA  N6    H62    sing N N 34  
DA  N1    C2     sing Y N 35  
DA  C2    N3     doub Y N 36  
DA  C2    H2     sing N N 37  
DA  N3    C4     sing Y N 38  
DC  OP3   P      sing N N 39  
DC  OP3   HOP3   sing N N 40  
DC  P     OP1    doub N N 41  
DC  P     OP2    sing N N 42  
DC  P     "O5'"  sing N N 43  
DC  OP2   HOP2   sing N N 44  
DC  "O5'" "C5'"  sing N N 45  
DC  "C5'" "C4'"  sing N N 46  
DC  "C5'" "H5'"  sing N N 47  
DC  "C5'" "H5''" sing N N 48  
DC  "C4'" "O4'"  sing N N 49  
DC  "C4'" "C3'"  sing N N 50  
DC  "C4'" "H4'"  sing N N 51  
DC  "O4'" "C1'"  sing N N 52  
DC  "C3'" "O3'"  sing N N 53  
DC  "C3'" "C2'"  sing N N 54  
DC  "C3'" "H3'"  sing N N 55  
DC  "O3'" "HO3'" sing N N 56  
DC  "C2'" "C1'"  sing N N 57  
DC  "C2'" "H2'"  sing N N 58  
DC  "C2'" "H2''" sing N N 59  
DC  "C1'" N1     sing N N 60  
DC  "C1'" "H1'"  sing N N 61  
DC  N1    C2     sing N N 62  
DC  N1    C6     sing N N 63  
DC  C2    O2     doub N N 64  
DC  C2    N3     sing N N 65  
DC  N3    C4     doub N N 66  
DC  C4    N4     sing N N 67  
DC  C4    C5     sing N N 68  
DC  N4    H41    sing N N 69  
DC  N4    H42    sing N N 70  
DC  C5    C6     doub N N 71  
DC  C5    H5     sing N N 72  
DC  C6    H6     sing N N 73  
DG  OP3   P      sing N N 74  
DG  OP3   HOP3   sing N N 75  
DG  P     OP1    doub N N 76  
DG  P     OP2    sing N N 77  
DG  P     "O5'"  sing N N 78  
DG  OP2   HOP2   sing N N 79  
DG  "O5'" "C5'"  sing N N 80  
DG  "C5'" "C4'"  sing N N 81  
DG  "C5'" "H5'"  sing N N 82  
DG  "C5'" "H5''" sing N N 83  
DG  "C4'" "O4'"  sing N N 84  
DG  "C4'" "C3'"  sing N N 85  
DG  "C4'" "H4'"  sing N N 86  
DG  "O4'" "C1'"  sing N N 87  
DG  "C3'" "O3'"  sing N N 88  
DG  "C3'" "C2'"  sing N N 89  
DG  "C3'" "H3'"  sing N N 90  
DG  "O3'" "HO3'" sing N N 91  
DG  "C2'" "C1'"  sing N N 92  
DG  "C2'" "H2'"  sing N N 93  
DG  "C2'" "H2''" sing N N 94  
DG  "C1'" N9     sing N N 95  
DG  "C1'" "H1'"  sing N N 96  
DG  N9    C8     sing Y N 97  
DG  N9    C4     sing Y N 98  
DG  C8    N7     doub Y N 99  
DG  C8    H8     sing N N 100 
DG  N7    C5     sing Y N 101 
DG  C5    C6     sing N N 102 
DG  C5    C4     doub Y N 103 
DG  C6    O6     doub N N 104 
DG  C6    N1     sing N N 105 
DG  N1    C2     sing N N 106 
DG  N1    H1     sing N N 107 
DG  C2    N2     sing N N 108 
DG  C2    N3     doub N N 109 
DG  N2    H21    sing N N 110 
DG  N2    H22    sing N N 111 
DG  N3    C4     sing N N 112 
DT  OP3   P      sing N N 113 
DT  OP3   HOP3   sing N N 114 
DT  P     OP1    doub N N 115 
DT  P     OP2    sing N N 116 
DT  P     "O5'"  sing N N 117 
DT  OP2   HOP2   sing N N 118 
DT  "O5'" "C5'"  sing N N 119 
DT  "C5'" "C4'"  sing N N 120 
DT  "C5'" "H5'"  sing N N 121 
DT  "C5'" "H5''" sing N N 122 
DT  "C4'" "O4'"  sing N N 123 
DT  "C4'" "C3'"  sing N N 124 
DT  "C4'" "H4'"  sing N N 125 
DT  "O4'" "C1'"  sing N N 126 
DT  "C3'" "O3'"  sing N N 127 
DT  "C3'" "C2'"  sing N N 128 
DT  "C3'" "H3'"  sing N N 129 
DT  "O3'" "HO3'" sing N N 130 
DT  "C2'" "C1'"  sing N N 131 
DT  "C2'" "H2'"  sing N N 132 
DT  "C2'" "H2''" sing N N 133 
DT  "C1'" N1     sing N N 134 
DT  "C1'" "H1'"  sing N N 135 
DT  N1    C2     sing N N 136 
DT  N1    C6     sing N N 137 
DT  C2    O2     doub N N 138 
DT  C2    N3     sing N N 139 
DT  N3    C4     sing N N 140 
DT  N3    H3     sing N N 141 
DT  C4    O4     doub N N 142 
DT  C4    C5     sing N N 143 
DT  C5    C7     sing N N 144 
DT  C5    C6     doub N N 145 
DT  C7    H71    sing N N 146 
DT  C7    H72    sing N N 147 
DT  C7    H73    sing N N 148 
DT  C6    H6     sing N N 149 
HOH O     H1     sing N N 150 
HOH O     H2     sing N N 151 
# 
_ndb_struct_conf_na.entry_id   1XJX 
_ndb_struct_conf_na.feature    'a-form double helix' 
# 
loop_
_ndb_struct_na_base_pair.model_number 
_ndb_struct_na_base_pair.i_label_asym_id 
_ndb_struct_na_base_pair.i_label_comp_id 
_ndb_struct_na_base_pair.i_label_seq_id 
_ndb_struct_na_base_pair.i_symmetry 
_ndb_struct_na_base_pair.j_label_asym_id 
_ndb_struct_na_base_pair.j_label_comp_id 
_ndb_struct_na_base_pair.j_label_seq_id 
_ndb_struct_na_base_pair.j_symmetry 
_ndb_struct_na_base_pair.shear 
_ndb_struct_na_base_pair.stretch 
_ndb_struct_na_base_pair.stagger 
_ndb_struct_na_base_pair.buckle 
_ndb_struct_na_base_pair.propeller 
_ndb_struct_na_base_pair.opening 
_ndb_struct_na_base_pair.pair_number 
_ndb_struct_na_base_pair.pair_name 
_ndb_struct_na_base_pair.i_auth_asym_id 
_ndb_struct_na_base_pair.i_auth_seq_id 
_ndb_struct_na_base_pair.i_PDB_ins_code 
_ndb_struct_na_base_pair.j_auth_asym_id 
_ndb_struct_na_base_pair.j_auth_seq_id 
_ndb_struct_na_base_pair.j_PDB_ins_code 
_ndb_struct_na_base_pair.hbond_type_28 
_ndb_struct_na_base_pair.hbond_type_12 
1 A DC 2 1_555 B DG 9 1_555 0.211  -0.299 0.022  -10.182 -3.938  -0.475 1 A_DC2:DG18_B A 2 ? B 18 ? 19 1 
1 A DT 3 1_555 B DA 8 1_555 -0.012 -0.129 0.221  0.247   -19.208 5.419  2 A_DT3:DA17_B A 3 ? B 17 ? 20 1 
1 A DG 4 1_555 B DC 7 1_555 -0.067 -0.367 0.207  1.531   -13.240 -0.892 3 A_DG4:DC16_B A 4 ? B 16 ? 19 1 
1 A DC 5 1_555 B DG 6 1_555 0.131  -0.245 0.571  -3.981  -12.513 -0.772 4 A_DC5:DG15_B A 5 ? B 15 ? 19 1 
1 A DG 6 1_555 B DC 5 1_555 -0.273 -0.261 -0.166 -4.573  -12.547 -2.650 5 A_DG6:DC14_B A 6 ? B 14 ? 19 1 
1 A DG 7 1_555 B DC 4 1_555 -0.179 -0.249 -0.464 -17.880 -22.562 -1.497 6 A_DG7:DC13_B A 7 ? B 13 ? 19 1 
1 A DT 8 1_555 B DA 3 1_555 0.635  -0.031 0.273  -7.934  -12.931 9.230  7 A_DT8:DA12_B A 8 ? B 12 ? 20 1 
1 A DC 9 1_555 B DG 2 1_555 0.103  -0.152 -0.111 10.185  -13.617 1.393  8 A_DC9:DG11_B A 9 ? B 11 ? 19 1 
# 
loop_
_ndb_struct_na_base_pair_step.model_number 
_ndb_struct_na_base_pair_step.i_label_asym_id_1 
_ndb_struct_na_base_pair_step.i_label_comp_id_1 
_ndb_struct_na_base_pair_step.i_label_seq_id_1 
_ndb_struct_na_base_pair_step.i_symmetry_1 
_ndb_struct_na_base_pair_step.j_label_asym_id_1 
_ndb_struct_na_base_pair_step.j_label_comp_id_1 
_ndb_struct_na_base_pair_step.j_label_seq_id_1 
_ndb_struct_na_base_pair_step.j_symmetry_1 
_ndb_struct_na_base_pair_step.i_label_asym_id_2 
_ndb_struct_na_base_pair_step.i_label_comp_id_2 
_ndb_struct_na_base_pair_step.i_label_seq_id_2 
_ndb_struct_na_base_pair_step.i_symmetry_2 
_ndb_struct_na_base_pair_step.j_label_asym_id_2 
_ndb_struct_na_base_pair_step.j_label_comp_id_2 
_ndb_struct_na_base_pair_step.j_label_seq_id_2 
_ndb_struct_na_base_pair_step.j_symmetry_2 
_ndb_struct_na_base_pair_step.shift 
_ndb_struct_na_base_pair_step.slide 
_ndb_struct_na_base_pair_step.rise 
_ndb_struct_na_base_pair_step.tilt 
_ndb_struct_na_base_pair_step.roll 
_ndb_struct_na_base_pair_step.twist 
_ndb_struct_na_base_pair_step.x_displacement 
_ndb_struct_na_base_pair_step.y_displacement 
_ndb_struct_na_base_pair_step.helical_rise 
_ndb_struct_na_base_pair_step.inclination 
_ndb_struct_na_base_pair_step.tip 
_ndb_struct_na_base_pair_step.helical_twist 
_ndb_struct_na_base_pair_step.step_number 
_ndb_struct_na_base_pair_step.step_name 
_ndb_struct_na_base_pair_step.i_auth_asym_id_1 
_ndb_struct_na_base_pair_step.i_auth_seq_id_1 
_ndb_struct_na_base_pair_step.i_PDB_ins_code_1 
_ndb_struct_na_base_pair_step.j_auth_asym_id_1 
_ndb_struct_na_base_pair_step.j_auth_seq_id_1 
_ndb_struct_na_base_pair_step.j_PDB_ins_code_1 
_ndb_struct_na_base_pair_step.i_auth_asym_id_2 
_ndb_struct_na_base_pair_step.i_auth_seq_id_2 
_ndb_struct_na_base_pair_step.i_PDB_ins_code_2 
_ndb_struct_na_base_pair_step.j_auth_asym_id_2 
_ndb_struct_na_base_pair_step.j_auth_seq_id_2 
_ndb_struct_na_base_pair_step.j_PDB_ins_code_2 
1 A DC 2 1_555 B DG 9 1_555 A DT 3 1_555 B DA 8 1_555 0.718  -1.153 2.970 2.366  11.580 32.110 -3.536 -0.901 2.465 20.104 -4.107  
34.162 1 AA_DC2DT3:DA17DG18_BB A 2 ? B 18 ? A 3 ? B 17 ? 
1 A DT 3 1_555 B DA 8 1_555 A DG 4 1_555 B DC 7 1_555 -0.438 -1.388 3.177 -2.746 9.411  27.295 -4.666 0.323  2.596 19.175 5.594   
28.971 2 AA_DT3DG4:DC16DA17_BB A 3 ? B 17 ? A 4 ? B 16 ? 
1 A DG 4 1_555 B DC 7 1_555 A DC 5 1_555 B DG 6 1_555 0.140  -1.422 3.360 -2.633 3.665  38.795 -2.571 -0.529 3.202 5.494  3.948   
39.047 3 AA_DG4DC5:DG15DC16_BB A 4 ? B 16 ? A 5 ? B 15 ? 
1 A DC 5 1_555 B DG 6 1_555 A DG 6 1_555 B DC 5 1_555 -0.002 -1.674 3.120 4.979  9.666  25.099 -5.621 1.074  2.287 21.028 -10.831 
27.318 4 AA_DC5DG6:DC14DG15_BB A 5 ? B 15 ? A 6 ? B 14 ? 
1 A DG 6 1_555 B DC 5 1_555 A DG 7 1_555 B DC 4 1_555 -0.022 -1.418 3.609 -1.496 10.528 37.150 -3.507 -0.161 3.107 16.123 2.291   
38.590 5 AA_DG6DG7:DC13DC14_BB A 6 ? B 14 ? A 7 ? B 13 ? 
1 A DG 7 1_555 B DC 4 1_555 A DT 8 1_555 B DA 3 1_555 0.426  -0.946 2.928 -4.519 5.654  34.784 -2.267 -1.271 2.672 9.333  7.459   
35.507 6 AA_DG7DT8:DA12DC13_BB A 7 ? B 13 ? A 8 ? B 12 ? 
1 A DT 8 1_555 B DA 3 1_555 A DC 9 1_555 B DG 2 1_555 -0.671 -1.214 2.713 2.165  9.085  31.756 -3.320 1.462  2.240 16.171 -3.853  
33.067 7 AA_DT8DC9:DG11DA12_BB A 8 ? B 12 ? A 9 ? B 11 ? 
# 
_pdbx_initial_refinement_model.accession_code   ? 
_pdbx_initial_refinement_model.id               1 
_pdbx_initial_refinement_model.entity_id_list   ? 
_pdbx_initial_refinement_model.type             other 
_pdbx_initial_refinement_model.source_name      ? 
_pdbx_initial_refinement_model.details          'FIBER A-DNA' 
# 
_atom_sites.entry_id                    1XJX 
_atom_sites.fract_transf_matrix[1][1]   0.00785446 
_atom_sites.fract_transf_matrix[1][2]   0.00968740 
_atom_sites.fract_transf_matrix[1][3]   -0.02093818 
_atom_sites.fract_transf_matrix[2][1]   -0.00481626 
_atom_sites.fract_transf_matrix[2][2]   -0.02094251 
_atom_sites.fract_transf_matrix[2][3]   -0.01149611 
_atom_sites.fract_transf_matrix[3][1]   -0.03889867 
_atom_sites.fract_transf_matrix[3][2]   0.01352162 
_atom_sites.fract_transf_matrix[3][3]   -0.00833592 
_atom_sites.fract_transf_vector[1]      -0.268432 
_atom_sites.fract_transf_vector[2]      0.773761 
_atom_sites.fract_transf_vector[3]      -0.014221 
# 
loop_
_atom_type.symbol 
C 
N 
O 
P 
# 
loop_
_atom_site.group_PDB 
_atom_site.id 
_atom_site.type_symbol 
_atom_site.label_atom_id 
_atom_site.label_alt_id 
_atom_site.label_comp_id 
_atom_site.label_asym_id 
_atom_site.label_entity_id 
_atom_site.label_seq_id 
_atom_site.pdbx_PDB_ins_code 
_atom_site.Cartn_x 
_atom_site.Cartn_y 
_atom_site.Cartn_z 
_atom_site.occupancy 
_atom_site.B_iso_or_equiv 
_atom_site.pdbx_formal_charge 
_atom_site.auth_seq_id 
_atom_site.auth_comp_id 
_atom_site.auth_asym_id 
_atom_site.auth_atom_id 
_atom_site.pdbx_PDB_model_num 
ATOM   1   O "O3'" . DT  A 1 1 ? 2.415   -9.877  7.666   1.00 39.35 ? 1   DT  A "O3'" 1 
ATOM   2   P P     . DC  A 1 2 ? 1.356   -8.819  7.175   1.00 54.81 ? 2   DC  A P     1 
ATOM   3   O OP1   . DC  A 1 2 ? 0.313   -9.538  6.399   1.00 51.72 ? 2   DC  A OP1   1 
ATOM   4   O OP2   . DC  A 1 2 ? 2.080   -7.751  6.444   1.00 71.15 ? 2   DC  A OP2   1 
ATOM   5   O "O5'" . DC  A 1 2 ? 0.682   -8.183  8.476   1.00 36.74 ? 2   DC  A "O5'" 1 
ATOM   6   C "C5'" . DC  A 1 2 ? 0.635   -8.900  9.722   1.00 29.33 ? 2   DC  A "C5'" 1 
ATOM   7   C "C4'" . DC  A 1 2 ? -0.097  -8.014  10.722  1.00 26.99 ? 2   DC  A "C4'" 1 
ATOM   8   O "O4'" . DC  A 1 2 ? 0.862   -7.322  11.557  1.00 27.28 ? 2   DC  A "O4'" 1 
ATOM   9   C "C3'" . DC  A 1 2 ? -0.967  -6.942  10.094  1.00 29.30 ? 2   DC  A "C3'" 1 
ATOM   10  O "O3'" . DC  A 1 2 ? -2.256  -7.441  9.814   1.00 38.57 ? 2   DC  A "O3'" 1 
ATOM   11  C "C2'" . DC  A 1 2 ? -0.963  -5.856  11.155  1.00 31.93 ? 2   DC  A "C2'" 1 
ATOM   12  C "C1'" . DC  A 1 2 ? 0.465   -5.965  11.652  1.00 23.41 ? 2   DC  A "C1'" 1 
ATOM   13  N N1    . DC  A 1 2 ? 1.463   -5.188  10.861  1.00 25.67 ? 2   DC  A N1    1 
ATOM   14  C C2    . DC  A 1 2 ? 1.471   -3.826  11.156  1.00 27.52 ? 2   DC  A C2    1 
ATOM   15  O O2    . DC  A 1 2 ? 0.667   -3.468  12.015  1.00 30.11 ? 2   DC  A O2    1 
ATOM   16  N N3    . DC  A 1 2 ? 2.339   -3.029  10.494  1.00 31.52 ? 2   DC  A N3    1 
ATOM   17  C C4    . DC  A 1 2 ? 3.148   -3.572  9.583   1.00 28.26 ? 2   DC  A C4    1 
ATOM   18  N N4    . DC  A 1 2 ? 3.990   -2.750  8.952   1.00 47.17 ? 2   DC  A N4    1 
ATOM   19  C C5    . DC  A 1 2 ? 3.156   -4.963  9.263   1.00 27.40 ? 2   DC  A C5    1 
ATOM   20  C C6    . DC  A 1 2 ? 2.276   -5.755  9.940   1.00 24.31 ? 2   DC  A C6    1 
ATOM   21  P P     . DT  A 1 3 ? -3.199  -6.943  8.628   1.00 42.04 ? 3   DT  A P     1 
ATOM   22  O OP1   . DT  A 1 3 ? -4.467  -7.707  8.748   1.00 52.53 ? 3   DT  A OP1   1 
ATOM   23  O OP2   . DT  A 1 3 ? -2.448  -7.125  7.369   1.00 30.68 ? 3   DT  A OP2   1 
ATOM   24  O "O5'" . DT  A 1 3 ? -3.486  -5.401  8.871   1.00 36.46 ? 3   DT  A "O5'" 1 
ATOM   25  C "C5'" . DT  A 1 3 ? -4.450  -5.013  9.864   1.00 38.64 ? 3   DT  A "C5'" 1 
ATOM   26  C "C4'" . DT  A 1 3 ? -4.272  -3.543  10.187  1.00 34.77 ? 3   DT  A "C4'" 1 
ATOM   27  O "O4'" . DT  A 1 3 ? -2.883  -3.280  10.522  1.00 38.91 ? 3   DT  A "O4'" 1 
ATOM   28  C "C3'" . DT  A 1 3 ? -4.577  -2.565  9.066   1.00 39.33 ? 3   DT  A "C3'" 1 
ATOM   29  O "O3'" . DT  A 1 3 ? -5.960  -2.366  8.913   1.00 44.48 ? 3   DT  A "O3'" 1 
ATOM   30  C "C2'" . DT  A 1 3 ? -3.848  -1.323  9.546   1.00 30.91 ? 3   DT  A "C2'" 1 
ATOM   31  C "C1'" . DT  A 1 3 ? -2.596  -1.931  10.150  1.00 32.18 ? 3   DT  A "C1'" 1 
ATOM   32  N N1    . DT  A 1 3 ? -1.431  -1.968  9.224   1.00 35.83 ? 3   DT  A N1    1 
ATOM   33  C C2    . DT  A 1 3 ? -0.665  -0.833  9.100   1.00 44.08 ? 3   DT  A C2    1 
ATOM   34  O O2    . DT  A 1 3 ? -0.901  0.193   9.718   1.00 32.65 ? 3   DT  A O2    1 
ATOM   35  N N3    . DT  A 1 3 ? 0.406   -0.918  8.221   1.00 35.87 ? 3   DT  A N3    1 
ATOM   36  C C4    . DT  A 1 3 ? 0.760   -2.027  7.478   1.00 35.29 ? 3   DT  A C4    1 
ATOM   37  O O4    . DT  A 1 3 ? 1.741   -1.999  6.720   1.00 38.91 ? 3   DT  A O4    1 
ATOM   38  C C5    . DT  A 1 3 ? -0.102  -3.162  7.674   1.00 29.26 ? 3   DT  A C5    1 
ATOM   39  C C7    . DT  A 1 3 ? 0.247   -4.398  6.880   1.00 29.33 ? 3   DT  A C7    1 
ATOM   40  C C6    . DT  A 1 3 ? -1.144  -3.109  8.512   1.00 38.62 ? 3   DT  A C6    1 
ATOM   41  P P     . DG  A 1 4 ? -6.744  -2.101  7.539   1.00 54.02 ? 4   DG  A P     1 
ATOM   42  O OP1   . DG  A 1 4 ? -8.182  -2.249  7.841   1.00 63.88 ? 4   DG  A OP1   1 
ATOM   43  O OP2   . DG  A 1 4 ? -6.164  -2.987  6.515   1.00 41.80 ? 4   DG  A OP2   1 
ATOM   44  O "O5'" . DG  A 1 4 ? -6.431  -0.573  7.186   1.00 50.79 ? 4   DG  A "O5'" 1 
ATOM   45  C "C5'" . DG  A 1 4 ? -6.528  0.355   8.287   1.00 46.19 ? 4   DG  A "C5'" 1 
ATOM   46  C "C4'" . DG  A 1 4 ? -5.834  1.647   7.923   1.00 46.60 ? 4   DG  A "C4'" 1 
ATOM   47  O "O4'" . DG  A 1 4 ? -4.419  1.561   8.262   1.00 50.86 ? 4   DG  A "O4'" 1 
ATOM   48  C "C3'" . DG  A 1 4 ? -5.822  2.031   6.451   1.00 40.34 ? 4   DG  A "C3'" 1 
ATOM   49  O "O3'" . DG  A 1 4 ? -7.060  2.549   6.037   1.00 45.04 ? 4   DG  A "O3'" 1 
ATOM   50  C "C2'" . DG  A 1 4 ? -4.704  3.063   6.427   1.00 34.37 ? 4   DG  A "C2'" 1 
ATOM   51  C "C1'" . DG  A 1 4 ? -3.713  2.410   7.371   1.00 46.16 ? 4   DG  A "C1'" 1 
ATOM   52  N N9    . DG  A 1 4 ? -2.697  1.581   6.656   1.00 41.24 ? 4   DG  A N9    1 
ATOM   53  C C8    . DG  A 1 4 ? -2.624  0.241   6.347   1.00 36.05 ? 4   DG  A C8    1 
ATOM   54  N N7    . DG  A 1 4 ? -1.537  -0.103  5.692   1.00 36.57 ? 4   DG  A N7    1 
ATOM   55  C C5    . DG  A 1 4 ? -0.852  1.110   5.568   1.00 40.84 ? 4   DG  A C5    1 
ATOM   56  C C6    . DG  A 1 4 ? 0.394   1.419   4.958   1.00 48.07 ? 4   DG  A C6    1 
ATOM   57  O O6    . DG  A 1 4 ? 1.125   0.602   4.399   1.00 49.41 ? 4   DG  A O6    1 
ATOM   58  N N1    . DG  A 1 4 ? 0.694   2.790   5.073   1.00 33.56 ? 4   DG  A N1    1 
ATOM   59  C C2    . DG  A 1 4 ? -0.071  3.757   5.679   1.00 29.29 ? 4   DG  A C2    1 
ATOM   60  N N2    . DG  A 1 4 ? 0.367   5.026   5.700   1.00 27.85 ? 4   DG  A N2    1 
ATOM   61  N N3    . DG  A 1 4 ? -1.246  3.466   6.255   1.00 36.85 ? 4   DG  A N3    1 
ATOM   62  C C4    . DG  A 1 4 ? -1.544  2.139   6.147   1.00 31.10 ? 4   DG  A C4    1 
ATOM   63  P P     . DC  A 1 5 ? -7.383  3.230   4.634   1.00 46.23 ? 5   DC  A P     1 
ATOM   64  O OP1   . DC  A 1 5 ? -8.647  3.985   4.770   1.00 54.22 ? 5   DC  A OP1   1 
ATOM   65  O OP2   . DC  A 1 5 ? -7.361  2.153   3.615   1.00 50.73 ? 5   DC  A OP2   1 
ATOM   66  O "O5'" . DC  A 1 5 ? -6.175  4.243   4.358   1.00 48.27 ? 5   DC  A "O5'" 1 
ATOM   67  C "C5'" . DC  A 1 5 ? -6.241  5.612   4.777   1.00 41.66 ? 5   DC  A "C5'" 1 
ATOM   68  C "C4'" . DC  A 1 5 ? -5.092  6.406   4.183   1.00 35.72 ? 5   DC  A "C4'" 1 
ATOM   69  O "O4'" . DC  A 1 5 ? -3.820  5.815   4.546   1.00 31.21 ? 5   DC  A "O4'" 1 
ATOM   70  C "C3'" . DC  A 1 5 ? -5.070  6.471   2.664   1.00 34.89 ? 5   DC  A "C3'" 1 
ATOM   71  O "O3'" . DC  A 1 5 ? -5.910  7.516   2.219   1.00 36.81 ? 5   DC  A "O3'" 1 
ATOM   72  C "C2'" . DC  A 1 5 ? -3.616  6.712   2.345   1.00 30.59 ? 5   DC  A "C2'" 1 
ATOM   73  C "C1'" . DC  A 1 5 ? -2.917  5.942   3.448   1.00 34.83 ? 5   DC  A "C1'" 1 
ATOM   74  N N1    . DC  A 1 5 ? -2.468  4.575   3.027   1.00 27.49 ? 5   DC  A N1    1 
ATOM   75  C C2    . DC  A 1 5 ? -1.254  4.475   2.346   1.00 31.68 ? 5   DC  A C2    1 
ATOM   76  O O2    . DC  A 1 5 ? -0.591  5.495   2.110   1.00 21.91 ? 5   DC  A O2    1 
ATOM   77  N N3    . DC  A 1 5 ? -0.822  3.248   1.952   1.00 39.79 ? 5   DC  A N3    1 
ATOM   78  C C4    . DC  A 1 5 ? -1.558  2.153   2.217   1.00 39.38 ? 5   DC  A C4    1 
ATOM   79  N N4    . DC  A 1 5 ? -1.097  0.979   1.815   1.00 34.53 ? 5   DC  A N4    1 
ATOM   80  C C5    . DC  A 1 5 ? -2.806  2.245   2.916   1.00 28.51 ? 5   DC  A C5    1 
ATOM   81  C C6    . DC  A 1 5 ? -3.210  3.475   3.295   1.00 27.77 ? 5   DC  A C6    1 
ATOM   82  P P     . DG  A 1 6 ? -6.331  7.262   0.709   1.00 40.33 ? 6   DG  A P     1 
ATOM   83  O OP1   . DG  A 1 6 ? -7.691  7.762   0.459   1.00 46.13 ? 6   DG  A OP1   1 
ATOM   84  O OP2   . DG  A 1 6 ? -6.081  5.840   0.377   1.00 58.30 ? 6   DG  A OP2   1 
ATOM   85  O "O5'" . DG  A 1 6 ? -5.272  8.164   -0.098  1.00 41.76 ? 6   DG  A "O5'" 1 
ATOM   86  C "C5'" . DG  A 1 6 ? -4.910  7.606   -1.364  1.00 25.53 ? 6   DG  A "C5'" 1 
ATOM   87  C "C4'" . DG  A 1 6 ? -3.459  7.854   -1.675  1.00 21.57 ? 6   DG  A "C4'" 1 
ATOM   88  O "O4'" . DG  A 1 6 ? -2.556  7.212   -0.750  1.00 25.35 ? 6   DG  A "O4'" 1 
ATOM   89  C "C3'" . DG  A 1 6 ? -3.063  7.309   -3.056  1.00 21.72 ? 6   DG  A "C3'" 1 
ATOM   90  O "O3'" . DG  A 1 6 ? -3.492  8.214   -4.037  1.00 30.56 ? 6   DG  A "O3'" 1 
ATOM   91  C "C2'" . DG  A 1 6 ? -1.568  7.165   -2.926  1.00 21.54 ? 6   DG  A "C2'" 1 
ATOM   92  C "C1'" . DG  A 1 6 ? -1.469  6.689   -1.481  1.00 22.85 ? 6   DG  A "C1'" 1 
ATOM   93  N N9    . DG  A 1 6 ? -1.533  5.205   -1.315  1.00 23.57 ? 6   DG  A N9    1 
ATOM   94  C C8    . DG  A 1 6 ? -2.505  4.392   -0.769  1.00 29.76 ? 6   DG  A C8    1 
ATOM   95  N N7    . DG  A 1 6 ? -2.193  3.112   -0.805  1.00 30.04 ? 6   DG  A N7    1 
ATOM   96  C C5    . DG  A 1 6 ? -0.937  3.099   -1.413  1.00 31.37 ? 6   DG  A C5    1 
ATOM   97  C C6    . DG  A 1 6 ? -0.105  1.996   -1.715  1.00 35.45 ? 6   DG  A C6    1 
ATOM   98  O O6    . DG  A 1 6 ? -0.313  0.793   -1.505  1.00 23.91 ? 6   DG  A O6    1 
ATOM   99  N N1    . DG  A 1 6 ? 1.075   2.431   -2.326  1.00 28.05 ? 6   DG  A N1    1 
ATOM   100 C C2    . DG  A 1 6 ? 1.411   3.742   -2.610  1.00 28.58 ? 6   DG  A C2    1 
ATOM   101 N N2    . DG  A 1 6 ? 2.591   3.913   -3.196  1.00 21.87 ? 6   DG  A N2    1 
ATOM   102 N N3    . DG  A 1 6 ? 0.632   4.787   -2.325  1.00 24.13 ? 6   DG  A N3    1 
ATOM   103 C C4    . DG  A 1 6 ? -0.524  4.373   -1.728  1.00 22.77 ? 6   DG  A C4    1 
ATOM   104 P P     . DG  A 1 7 ? -3.827  7.722   -5.500  1.00 31.40 ? 7   DG  A P     1 
ATOM   105 O OP1   . DG  A 1 7 ? -4.482  8.871   -6.179  1.00 47.98 ? 7   DG  A OP1   1 
ATOM   106 O OP2   . DG  A 1 7 ? -4.648  6.492   -5.425  1.00 40.05 ? 7   DG  A OP2   1 
ATOM   107 O "O5'" . DG  A 1 7 ? -2.461  7.389   -6.217  1.00 25.94 ? 7   DG  A "O5'" 1 
ATOM   108 C "C5'" . DG  A 1 7 ? -1.309  8.215   -6.391  1.00 27.53 ? 7   DG  A "C5'" 1 
ATOM   109 C "C4'" . DG  A 1 7 ? -0.149  7.328   -6.798  1.00 36.46 ? 7   DG  A "C4'" 1 
ATOM   110 O "O4'" . DG  A 1 7 ? 0.292   6.527   -5.653  1.00 29.48 ? 7   DG  A "O4'" 1 
ATOM   111 C "C3'" . DG  A 1 7 ? -0.406  6.288   -7.872  1.00 34.26 ? 7   DG  A "C3'" 1 
ATOM   112 O "O3'" . DG  A 1 7 ? -0.442  6.821   -9.167  1.00 35.66 ? 7   DG  A "O3'" 1 
ATOM   113 C "C2'" . DG  A 1 7 ? 0.799   5.377   -7.675  1.00 35.59 ? 7   DG  A "C2'" 1 
ATOM   114 C "C1'" . DG  A 1 7 ? 0.828   5.315   -6.158  1.00 34.46 ? 7   DG  A "C1'" 1 
ATOM   115 N N9    . DG  A 1 7 ? 0.031   4.173   -5.624  1.00 30.11 ? 7   DG  A N9    1 
ATOM   116 C C8    . DG  A 1 7 ? -1.173  4.211   -4.965  1.00 30.47 ? 7   DG  A C8    1 
ATOM   117 N N7    . DG  A 1 7 ? -1.604  3.010   -4.629  1.00 27.51 ? 7   DG  A N7    1 
ATOM   118 C C5    . DG  A 1 7 ? -0.623  2.153   -5.101  1.00 23.96 ? 7   DG  A C5    1 
ATOM   119 C C6    . DG  A 1 7 ? -0.579  0.735   -5.007  1.00 29.36 ? 7   DG  A C6    1 
ATOM   120 O O6    . DG  A 1 7 ? -1.442  0.035   -4.476  1.00 36.62 ? 7   DG  A O6    1 
ATOM   121 N N1    . DG  A 1 7 ? 0.568   0.210   -5.598  1.00 27.77 ? 7   DG  A N1    1 
ATOM   122 C C2    . DG  A 1 7 ? 1.553   0.968   -6.203  1.00 32.65 ? 7   DG  A C2    1 
ATOM   123 N N2    . DG  A 1 7 ? 2.540   0.226   -6.687  1.00 29.02 ? 7   DG  A N2    1 
ATOM   124 N N3    . DG  A 1 7 ? 1.511   2.299   -6.287  1.00 37.83 ? 7   DG  A N3    1 
ATOM   125 C C4    . DG  A 1 7 ? 0.395   2.834   -5.717  1.00 30.50 ? 7   DG  A C4    1 
ATOM   126 P P     . DT  A 1 8 ? -1.239  6.398   -10.456 1.00 33.03 ? 8   DT  A P     1 
ATOM   127 O OP1   . DT  A 1 8 ? -0.993  7.435   -11.489 1.00 41.61 ? 8   DT  A OP1   1 
ATOM   128 O OP2   . DT  A 1 8 ? -2.649  6.245   -9.993  1.00 30.48 ? 8   DT  A OP2   1 
ATOM   129 O "O5'" . DT  A 1 8 ? -0.720  4.992   -11.004 1.00 29.73 ? 8   DT  A "O5'" 1 
ATOM   130 C "C5'" . DT  A 1 8 ? 0.582   4.898   -11.589 1.00 35.19 ? 8   DT  A "C5'" 1 
ATOM   131 C "C4'" . DT  A 1 8 ? 1.087   3.469   -11.610 1.00 40.44 ? 8   DT  A "C4'" 1 
ATOM   132 O "O4'" . DT  A 1 8 ? 1.275   2.978   -10.255 1.00 33.11 ? 8   DT  A "O4'" 1 
ATOM   133 C "C3'" . DT  A 1 8 ? 0.168   2.443   -12.258 1.00 28.18 ? 8   DT  A "C3'" 1 
ATOM   134 O "O3'" . DT  A 1 8 ? 0.312   2.482   -13.658 1.00 40.36 ? 8   DT  A "O3'" 1 
ATOM   135 C "C2'" . DT  A 1 8 ? 0.647   1.152   -11.629 1.00 35.71 ? 8   DT  A "C2'" 1 
ATOM   136 C "C1'" . DT  A 1 8 ? 0.911   1.607   -10.205 1.00 34.88 ? 8   DT  A "C1'" 1 
ATOM   137 N N1    . DT  A 1 8 ? -0.282  1.433   -9.316  1.00 28.72 ? 8   DT  A N1    1 
ATOM   138 C C2    . DT  A 1 8 ? -0.525  0.139   -8.880  1.00 19.63 ? 8   DT  A C2    1 
ATOM   139 O O2    . DT  A 1 8 ? 0.199   -0.768  -9.220  1.00 28.49 ? 8   DT  A O2    1 
ATOM   140 N N3    . DT  A 1 8 ? -1.626  0.012   -8.067  1.00 31.24 ? 8   DT  A N3    1 
ATOM   141 C C4    . DT  A 1 8 ? -2.485  1.008   -7.654  1.00 39.82 ? 8   DT  A C4    1 
ATOM   142 O O4    . DT  A 1 8 ? -3.443  0.767   -6.917  1.00 53.93 ? 8   DT  A O4    1 
ATOM   143 C C5    . DT  A 1 8 ? -2.149  2.314   -8.152  1.00 38.23 ? 8   DT  A C5    1 
ATOM   144 C C7    . DT  A 1 8 ? -3.057  3.431   -7.726  1.00 48.69 ? 8   DT  A C7    1 
ATOM   145 C C6    . DT  A 1 8 ? -1.083  2.472   -8.947  1.00 28.70 ? 8   DT  A C6    1 
ATOM   146 P P     . DC  A 1 9 ? -0.751  1.832   -14.658 1.00 38.56 ? 9   DC  A P     1 
ATOM   147 O OP1   . DC  A 1 9 ? -0.459  2.440   -15.978 1.00 46.78 ? 9   DC  A OP1   1 
ATOM   148 O OP2   . DC  A 1 9 ? -2.108  2.071   -14.118 1.00 50.33 ? 9   DC  A OP2   1 
ATOM   149 O "O5'" . DC  A 1 9 ? -0.466  0.270   -14.680 1.00 30.99 ? 9   DC  A "O5'" 1 
ATOM   150 C "C5'" . DC  A 1 9 ? 0.858   -0.260  -14.602 1.00 48.94 ? 9   DC  A "C5'" 1 
ATOM   151 C "C4'" . DC  A 1 9 ? 0.841   -1.778  -14.566 1.00 54.78 ? 9   DC  A "C4'" 1 
ATOM   152 O "O4'" . DC  A 1 9 ? 0.448   -2.223  -13.236 1.00 54.75 ? 9   DC  A "O4'" 1 
ATOM   153 C "C3'" . DC  A 1 9 ? -0.122  -2.462  -15.519 1.00 53.23 ? 9   DC  A "C3'" 1 
ATOM   154 O "O3'" . DC  A 1 9 ? 0.396   -3.702  -15.954 1.00 57.97 ? 9   DC  A "O3'" 1 
ATOM   155 C "C2'" . DC  A 1 9 ? -1.378  -2.623  -14.690 1.00 48.77 ? 9   DC  A "C2'" 1 
ATOM   156 C "C1'" . DC  A 1 9 ? -0.776  -2.908  -13.320 1.00 46.69 ? 9   DC  A "C1'" 1 
ATOM   157 N N1    . DC  A 1 9 ? -1.735  -2.466  -12.269 1.00 30.79 ? 9   DC  A N1    1 
ATOM   158 C C2    . DC  A 1 9 ? -2.184  -3.360  -11.311 1.00 23.96 ? 9   DC  A C2    1 
ATOM   159 O O2    . DC  A 1 9 ? -1.783  -4.531  -11.328 1.00 31.64 ? 9   DC  A O2    1 
ATOM   160 N N3    . DC  A 1 9 ? -3.065  -2.871  -10.390 1.00 37.03 ? 9   DC  A N3    1 
ATOM   161 C C4    . DC  A 1 9 ? -3.490  -1.606  -10.384 1.00 42.31 ? 9   DC  A C4    1 
ATOM   162 N N4    . DC  A 1 9 ? -4.345  -1.167  -9.471  1.00 42.04 ? 9   DC  A N4    1 
ATOM   163 C C5    . DC  A 1 9 ? -3.030  -0.673  -11.375 1.00 44.09 ? 9   DC  A C5    1 
ATOM   164 C C6    . DC  A 1 9 ? -2.165  -1.174  -12.276 1.00 31.50 ? 9   DC  A C6    1 
ATOM   165 O "O3'" . DT  B 2 1 ? -9.914  -7.188  -2.267  1.00 57.66 ? 10  DT  B "O3'" 1 
ATOM   166 P P     . DG  B 2 2 ? -8.379  -7.562  -2.109  1.00 57.39 ? 11  DG  B P     1 
ATOM   167 O OP1   . DG  B 2 2 ? -8.260  -8.432  -0.919  1.00 61.04 ? 11  DG  B OP1   1 
ATOM   168 O OP2   . DG  B 2 2 ? -7.618  -6.291  -2.088  1.00 42.15 ? 11  DG  B OP2   1 
ATOM   169 O "O5'" . DG  B 2 2 ? -7.966  -8.399  -3.406  1.00 47.33 ? 11  DG  B "O5'" 1 
ATOM   170 C "C5'" . DG  B 2 2 ? -7.443  -9.734  -3.290  1.00 36.18 ? 11  DG  B "C5'" 1 
ATOM   171 C "C4'" . DG  B 2 2 ? -6.693  -10.098 -4.560  1.00 36.15 ? 11  DG  B "C4'" 1 
ATOM   172 O "O4'" . DG  B 2 2 ? -7.265  -9.365  -5.677  1.00 30.21 ? 11  DG  B "O4'" 1 
ATOM   173 C "C3'" . DG  B 2 2 ? -5.213  -9.765  -4.588  1.00 39.75 ? 11  DG  B "C3'" 1 
ATOM   174 O "O3'" . DG  B 2 2 ? -4.440  -10.798 -4.024  1.00 30.28 ? 11  DG  B "O3'" 1 
ATOM   175 C "C2'" . DG  B 2 2 ? -4.926  -9.602  -6.067  1.00 27.86 ? 11  DG  B "C2'" 1 
ATOM   176 C "C1'" . DG  B 2 2 ? -6.212  -8.945  -6.520  1.00 33.60 ? 11  DG  B "C1'" 1 
ATOM   177 N N9    . DG  B 2 2 ? -6.199  -7.451  -6.442  1.00 29.95 ? 11  DG  B N9    1 
ATOM   178 C C8    . DG  B 2 2 ? -6.849  -6.606  -5.583  1.00 34.81 ? 11  DG  B C8    1 
ATOM   179 N N7    . DG  B 2 2 ? -6.606  -5.327  -5.807  1.00 30.45 ? 11  DG  B N7    1 
ATOM   180 C C5    . DG  B 2 2 ? -5.736  -5.385  -6.892  1.00 38.10 ? 11  DG  B C5    1 
ATOM   181 C C6    . DG  B 2 2 ? -5.123  -4.313  -7.589  1.00 45.24 ? 11  DG  B C6    1 
ATOM   182 O O6    . DG  B 2 2 ? -5.289  -3.142  -7.310  1.00 31.40 ? 11  DG  B O6    1 
ATOM   183 N N1    . DG  B 2 2 ? -4.307  -4.754  -8.631  1.00 45.82 ? 11  DG  B N1    1 
ATOM   184 C C2    . DG  B 2 2 ? -4.101  -6.079  -8.969  1.00 46.74 ? 11  DG  B C2    1 
ATOM   185 N N2    . DG  B 2 2 ? -3.282  -6.289  -10.000 1.00 37.34 ? 11  DG  B N2    1 
ATOM   186 N N3    . DG  B 2 2 ? -4.675  -7.092  -8.318  1.00 44.64 ? 11  DG  B N3    1 
ATOM   187 C C4    . DG  B 2 2 ? -5.471  -6.658  -7.301  1.00 33.27 ? 11  DG  B C4    1 
ATOM   188 P P     . DA  B 2 3 ? -3.286  -10.470 -2.988  1.00 35.68 ? 12  DA  B P     1 
ATOM   189 O OP1   . DA  B 2 3 ? -2.897  -11.751 -2.360  1.00 35.82 ? 12  DA  B OP1   1 
ATOM   190 O OP2   . DA  B 2 3 ? -3.821  -9.420  -2.092  1.00 51.82 ? 12  DA  B OP2   1 
ATOM   191 O "O5'" . DA  B 2 3 ? -2.061  -9.887  -3.830  1.00 35.20 ? 12  DA  B "O5'" 1 
ATOM   192 C "C5'" . DA  B 2 3 ? -1.419  -10.776 -4.758  1.00 37.89 ? 12  DA  B "C5'" 1 
ATOM   193 C "C4'" . DA  B 2 3 ? -0.585  -9.976  -5.735  1.00 35.65 ? 12  DA  B "C4'" 1 
ATOM   194 O "O4'" . DA  B 2 3 ? -1.422  -9.094  -6.523  1.00 33.44 ? 12  DA  B "O4'" 1 
ATOM   195 C "C3'" . DA  B 2 3 ? 0.443   -9.030  -5.123  1.00 32.95 ? 12  DA  B "C3'" 1 
ATOM   196 O "O3'" . DA  B 2 3 ? 1.543   -9.742  -4.630  1.00 33.32 ? 12  DA  B "O3'" 1 
ATOM   197 C "C2'" . DA  B 2 3 ? 0.756   -8.150  -6.317  1.00 34.16 ? 12  DA  B "C2'" 1 
ATOM   198 C "C1'" . DA  B 2 3 ? -0.643  -7.948  -6.875  1.00 30.70 ? 12  DA  B "C1'" 1 
ATOM   199 N N9    . DA  B 2 3 ? -1.371  -6.739  -6.365  1.00 42.24 ? 12  DA  B N9    1 
ATOM   200 C C8    . DA  B 2 3 ? -2.246  -6.649  -5.319  1.00 33.41 ? 12  DA  B C8    1 
ATOM   201 N N7    . DA  B 2 3 ? -2.719  -5.451  -5.123  1.00 30.98 ? 12  DA  B N7    1 
ATOM   202 C C5    . DA  B 2 3 ? -2.116  -4.683  -6.107  1.00 28.48 ? 12  DA  B C5    1 
ATOM   203 C C6    . DA  B 2 3 ? -2.213  -3.322  -6.424  1.00 39.22 ? 12  DA  B C6    1 
ATOM   204 N N6    . DA  B 2 3 ? -3.000  -2.486  -5.724  1.00 59.30 ? 12  DA  B N6    1 
ATOM   205 N N1    . DA  B 2 3 ? -1.486  -2.861  -7.465  1.00 38.50 ? 12  DA  B N1    1 
ATOM   206 C C2    . DA  B 2 3 ? -0.727  -3.743  -8.116  1.00 41.63 ? 12  DA  B C2    1 
ATOM   207 N N3    . DA  B 2 3 ? -0.552  -5.037  -7.916  1.00 42.72 ? 12  DA  B N3    1 
ATOM   208 C C4    . DA  B 2 3 ? -1.292  -5.464  -6.870  1.00 39.81 ? 12  DA  B C4    1 
ATOM   209 P P     . DC  B 2 4 ? 2.625   -9.041  -3.694  1.00 39.99 ? 13  DC  B P     1 
ATOM   210 O OP1   . DC  B 2 4 ? 3.678   -10.030 -3.415  1.00 51.90 ? 13  DC  B OP1   1 
ATOM   211 O OP2   . DC  B 2 4 ? 1.870   -8.476  -2.549  1.00 30.51 ? 13  DC  B OP2   1 
ATOM   212 O "O5'" . DC  B 2 4 ? 3.228   -7.836  -4.556  1.00 29.72 ? 13  DC  B "O5'" 1 
ATOM   213 C "C5'" . DC  B 2 4 ? 4.494   -8.005  -5.207  1.00 35.36 ? 13  DC  B "C5'" 1 
ATOM   214 C "C4'" . DC  B 2 4 ? 4.747   -6.789  -6.085  1.00 37.43 ? 13  DC  B "C4'" 1 
ATOM   215 O "O4'" . DC  B 2 4 ? 3.492   -6.283  -6.598  1.00 35.12 ? 13  DC  B "O4'" 1 
ATOM   216 C "C3'" . DC  B 2 4 ? 5.405   -5.623  -5.374  1.00 48.85 ? 13  DC  B "C3'" 1 
ATOM   217 O "O3'" . DC  B 2 4 ? 6.816   -5.740  -5.449  1.00 46.84 ? 13  DC  B "O3'" 1 
ATOM   218 C "C2'" . DC  B 2 4 ? 4.883   -4.408  -6.107  1.00 52.50 ? 13  DC  B "C2'" 1 
ATOM   219 C "C1'" . DC  B 2 4 ? 3.518   -4.866  -6.589  1.00 46.23 ? 13  DC  B "C1'" 1 
ATOM   220 N N1    . DC  B 2 4 ? 2.400   -4.368  -5.723  1.00 35.53 ? 13  DC  B N1    1 
ATOM   221 C C2    . DC  B 2 4 ? 1.913   -3.112  -6.114  1.00 42.46 ? 13  DC  B C2    1 
ATOM   222 O O2    . DC  B 2 4 ? 2.432   -2.564  -7.094  1.00 42.97 ? 13  DC  B O2    1 
ATOM   223 N N3    . DC  B 2 4 ? 0.906   -2.542  -5.419  1.00 30.82 ? 13  DC  B N3    1 
ATOM   224 C C4    . DC  B 2 4 ? 0.344   -3.136  -4.361  1.00 39.67 ? 13  DC  B C4    1 
ATOM   225 N N4    . DC  B 2 4 ? -0.645  -2.455  -3.775  1.00 34.53 ? 13  DC  B N4    1 
ATOM   226 C C5    . DC  B 2 4 ? 0.822   -4.409  -3.949  1.00 30.84 ? 13  DC  B C5    1 
ATOM   227 C C6    . DC  B 2 4 ? 1.844   -4.982  -4.652  1.00 28.92 ? 13  DC  B C6    1 
ATOM   228 P P     . DC  B 2 5 ? 7.740   -5.221  -4.261  1.00 45.17 ? 14  DC  B P     1 
ATOM   229 O OP1   . DC  B 2 5 ? 9.143   -5.594  -4.526  1.00 35.65 ? 14  DC  B OP1   1 
ATOM   230 O OP2   . DC  B 2 5 ? 7.158   -5.727  -2.995  1.00 77.68 ? 14  DC  B OP2   1 
ATOM   231 O "O5'" . DC  B 2 5 ? 7.620   -3.624  -4.280  1.00 36.93 ? 14  DC  B "O5'" 1 
ATOM   232 C "C5'" . DC  B 2 5 ? 7.878   -2.987  -5.549  1.00 45.97 ? 14  DC  B "C5'" 1 
ATOM   233 C "C4'" . DC  B 2 5 ? 7.688   -1.498  -5.353  1.00 37.99 ? 14  DC  B "C4'" 1 
ATOM   234 O "O4'" . DC  B 2 5 ? 6.322   -1.111  -5.615  1.00 39.02 ? 14  DC  B "O4'" 1 
ATOM   235 C "C3'" . DC  B 2 5 ? 7.965   -1.015  -3.938  1.00 37.75 ? 14  DC  B "C3'" 1 
ATOM   236 O "O3'" . DC  B 2 5 ? 9.358   -0.921  -3.744  1.00 40.83 ? 14  DC  B "O3'" 1 
ATOM   237 C "C2'" . DC  B 2 5 ? 7.232   0.305   -3.917  1.00 28.53 ? 14  DC  B "C2'" 1 
ATOM   238 C "C1'" . DC  B 2 5 ? 6.006   -0.027  -4.750  1.00 36.06 ? 14  DC  B "C1'" 1 
ATOM   239 N N1    . DC  B 2 5 ? 4.823   -0.424  -3.928  1.00 31.27 ? 14  DC  B N1    1 
ATOM   240 C C2    . DC  B 2 5 ? 3.863   0.561   -3.725  1.00 24.64 ? 14  DC  B C2    1 
ATOM   241 O O2    . DC  B 2 5 ? 4.068   1.674   -4.244  1.00 32.68 ? 14  DC  B O2    1 
ATOM   242 N N3    . DC  B 2 5 ? 2.761   0.276   -2.990  1.00 22.15 ? 14  DC  B N3    1 
ATOM   243 C C4    . DC  B 2 5 ? 2.627   -0.958  -2.463  1.00 19.01 ? 14  DC  B C4    1 
ATOM   244 N N4    . DC  B 2 5 ? 1.545   -1.223  -1.744  1.00 26.94 ? 14  DC  B N4    1 
ATOM   245 C C5    . DC  B 2 5 ? 3.608   -1.980  -2.661  1.00 30.46 ? 14  DC  B C5    1 
ATOM   246 C C6    . DC  B 2 5 ? 4.700   -1.673  -3.404  1.00 36.81 ? 14  DC  B C6    1 
ATOM   247 P P     . DG  B 2 6 ? 9.943   -0.338  -2.377  1.00 38.96 ? 15  DG  B P     1 
ATOM   248 O OP1   . DG  B 2 6 ? 11.421  -0.324  -2.497  1.00 35.75 ? 15  DG  B OP1   1 
ATOM   249 O OP2   . DG  B 2 6 ? 9.359   -1.091  -1.264  1.00 35.00 ? 15  DG  B OP2   1 
ATOM   250 O "O5'" . DG  B 2 6 ? 9.418   1.166   -2.395  1.00 37.87 ? 15  DG  B "O5'" 1 
ATOM   251 C "C5'" . DG  B 2 6 ? 9.430   1.883   -1.146  1.00 41.82 ? 15  DG  B "C5'" 1 
ATOM   252 C "C4'" . DG  B 2 6 ? 8.621   3.149   -1.352  1.00 38.98 ? 15  DG  B "C4'" 1 
ATOM   253 O "O4'" . DG  B 2 6 ? 7.377   2.853   -2.031  1.00 28.45 ? 15  DG  B "O4'" 1 
ATOM   254 C "C3'" . DG  B 2 6 ? 8.208   3.856   -0.071  1.00 29.34 ? 15  DG  B "C3'" 1 
ATOM   255 O "O3'" . DG  B 2 6 ? 9.288   4.598   0.434   1.00 32.58 ? 15  DG  B "O3'" 1 
ATOM   256 C "C2'" . DG  B 2 6 ? 7.039   4.684   -0.569  1.00 28.33 ? 15  DG  B "C2'" 1 
ATOM   257 C "C1'" . DG  B 2 6 ? 6.354   3.677   -1.480  1.00 29.40 ? 15  DG  B "C1'" 1 
ATOM   258 N N9    . DG  B 2 6 ? 5.349   2.764   -0.831  1.00 27.14 ? 15  DG  B N9    1 
ATOM   259 C C8    . DG  B 2 6 ? 5.480   1.394   -0.717  1.00 31.69 ? 15  DG  B C8    1 
ATOM   260 N N7    . DG  B 2 6 ? 4.471   0.814   -0.110  1.00 28.26 ? 15  DG  B N7    1 
ATOM   261 C C5    . DG  B 2 6 ? 3.627   1.871   0.191   1.00 22.22 ? 15  DG  B C5    1 
ATOM   262 C C6    . DG  B 2 6 ? 2.374   1.829   0.855   1.00 16.71 ? 15  DG  B C6    1 
ATOM   263 O O6    . DG  B 2 6 ? 1.824   0.803   1.281   1.00 29.66 ? 15  DG  B O6    1 
ATOM   264 N N1    . DG  B 2 6 ? 1.766   3.070   1.011   1.00 21.20 ? 15  DG  B N1    1 
ATOM   265 C C2    . DG  B 2 6 ? 2.373   4.233   0.538   1.00 32.40 ? 15  DG  B C2    1 
ATOM   266 N N2    . DG  B 2 6 ? 1.653   5.332   0.769   1.00 34.65 ? 15  DG  B N2    1 
ATOM   267 N N3    . DG  B 2 6 ? 3.547   4.282   -0.086  1.00 32.67 ? 15  DG  B N3    1 
ATOM   268 C C4    . DG  B 2 6 ? 4.157   3.076   -0.246  1.00 26.85 ? 15  DG  B C4    1 
ATOM   269 P P     . DC  B 2 7 ? 9.583   4.749   2.015   1.00 37.08 ? 16  DC  B P     1 
ATOM   270 O OP1   . DC  B 2 7 ? 10.802  5.581   2.092   1.00 32.33 ? 16  DC  B OP1   1 
ATOM   271 O OP2   . DC  B 2 7 ? 9.692   3.374   2.528   1.00 30.80 ? 16  DC  B OP2   1 
ATOM   272 O "O5'" . DC  B 2 7 ? 8.328   5.519   2.603   1.00 40.26 ? 16  DC  B "O5'" 1 
ATOM   273 C "C5'" . DC  B 2 7 ? 8.222   6.927   2.304   1.00 43.30 ? 16  DC  B "C5'" 1 
ATOM   274 C "C4'" . DC  B 2 7 ? 6.930   7.501   2.841   1.00 37.19 ? 16  DC  B "C4'" 1 
ATOM   275 O "O4'" . DC  B 2 7 ? 5.777   6.878   2.199   1.00 30.48 ? 16  DC  B "O4'" 1 
ATOM   276 C "C3'" . DC  B 2 7 ? 6.673   7.295   4.326   1.00 31.55 ? 16  DC  B "C3'" 1 
ATOM   277 O "O3'" . DC  B 2 7 ? 7.416   8.216   5.084   1.00 33.62 ? 16  DC  B "O3'" 1 
ATOM   278 C "C2'" . DC  B 2 7 ? 5.173   7.500   4.412   1.00 27.03 ? 16  DC  B "C2'" 1 
ATOM   279 C "C1'" . DC  B 2 7 ? 4.731   6.776   3.143   1.00 30.23 ? 16  DC  B "C1'" 1 
ATOM   280 N N1    . DC  B 2 7 ? 4.455   5.327   3.338   1.00 25.58 ? 16  DC  B N1    1 
ATOM   281 C C2    . DC  B 2 7 ? 3.248   4.911   3.892   1.00 30.37 ? 16  DC  B C2    1 
ATOM   282 O O2    . DC  B 2 7 ? 2.366   5.691   4.243   1.00 26.96 ? 16  DC  B O2    1 
ATOM   283 N N3    . DC  B 2 7 ? 3.055   3.583   4.042   1.00 36.75 ? 16  DC  B N3    1 
ATOM   284 C C4    . DC  B 2 7 ? 3.963   2.680   3.683   1.00 30.21 ? 16  DC  B C4    1 
ATOM   285 N N4    . DC  B 2 7 ? 3.675   1.393   3.875   1.00 33.75 ? 16  DC  B N4    1 
ATOM   286 C C5    . DC  B 2 7 ? 5.206   3.082   3.113   1.00 30.42 ? 16  DC  B C5    1 
ATOM   287 C C6    . DC  B 2 7 ? 5.392   4.416   2.968   1.00 34.54 ? 16  DC  B C6    1 
ATOM   288 P P     . DA  B 2 8 ? 7.924   7.654   6.483   1.00 38.75 ? 17  DA  B P     1 
ATOM   289 O OP1   . DA  B 2 8 ? 8.759   8.711   7.090   1.00 40.18 ? 17  DA  B OP1   1 
ATOM   290 O OP2   . DA  B 2 8 ? 8.538   6.329   6.294   1.00 36.97 ? 17  DA  B OP2   1 
ATOM   291 O "O5'" . DA  B 2 8 ? 6.589   7.494   7.353   1.00 31.21 ? 17  DA  B "O5'" 1 
ATOM   292 C "C5'" . DA  B 2 8 ? 5.794   8.670   7.590   1.00 30.62 ? 17  DA  B "C5'" 1 
ATOM   293 C "C4'" . DA  B 2 8 ? 4.504   8.227   8.261   1.00 29.56 ? 17  DA  B "C4'" 1 
ATOM   294 O "O4'" . DA  B 2 8 ? 3.740   7.366   7.384   1.00 31.89 ? 17  DA  B "O4'" 1 
ATOM   295 C "C3'" . DA  B 2 8 ? 4.703   7.424   9.536   1.00 40.53 ? 17  DA  B "C3'" 1 
ATOM   296 O "O3'" . DA  B 2 8 ? 4.876   8.310   10.617  1.00 44.75 ? 17  DA  B "O3'" 1 
ATOM   297 C "C2'" . DA  B 2 8 ? 3.439   6.599   9.614   1.00 33.86 ? 17  DA  B "C2'" 1 
ATOM   298 C "C1'" . DA  B 2 8 ? 3.154   6.324   8.145   1.00 22.43 ? 17  DA  B "C1'" 1 
ATOM   299 N N9    . DA  B 2 8 ? 3.695   4.988   7.745   1.00 19.30 ? 17  DA  B N9    1 
ATOM   300 C C8    . DA  B 2 8 ? 4.868   4.569   7.213   1.00 19.91 ? 17  DA  B C8    1 
ATOM   301 N N7    . DA  B 2 8 ? 4.933   3.281   7.016   1.00 33.62 ? 17  DA  B N7    1 
ATOM   302 C C5    . DA  B 2 8 ? 3.701   2.801   7.461   1.00 25.02 ? 17  DA  B C5    1 
ATOM   303 C C6    . DA  B 2 8 ? 3.137   1.517   7.521   1.00 31.37 ? 17  DA  B C6    1 
ATOM   304 N N6    . DA  B 2 8 ? 3.765   0.404   7.118   1.00 34.15 ? 17  DA  B N6    1 
ATOM   305 N N1    . DA  B 2 8 ? 1.891   1.398   8.019   1.00 33.75 ? 17  DA  B N1    1 
ATOM   306 C C2    . DA  B 2 8 ? 1.262   2.497   8.421   1.00 40.75 ? 17  DA  B C2    1 
ATOM   307 N N3    . DA  B 2 8 ? 1.686   3.743   8.411   1.00 35.07 ? 17  DA  B N3    1 
ATOM   308 C C4    . DA  B 2 8 ? 2.938   3.829   7.906   1.00 30.24 ? 17  DA  B C4    1 
ATOM   309 P P     . DG  B 2 9 ? 5.496   7.849   12.013  1.00 54.42 ? 18  DG  B P     1 
ATOM   310 O OP1   . DG  B 2 9 ? 5.765   9.106   12.740  1.00 45.51 ? 18  DG  B OP1   1 
ATOM   311 O OP2   . DG  B 2 9 ? 6.652   6.970   11.743  1.00 35.28 ? 18  DG  B OP2   1 
ATOM   312 O "O5'" . DG  B 2 9 ? 4.356   6.995   12.735  1.00 51.16 ? 18  DG  B "O5'" 1 
ATOM   313 C "C5'" . DG  B 2 9 ? 3.005   7.467   12.766  1.00 54.92 ? 18  DG  B "C5'" 1 
ATOM   314 C "C4'" . DG  B 2 9 ? 2.114   6.557   13.599  1.00 48.47 ? 18  DG  B "C4'" 1 
ATOM   315 O "O4'" . DG  B 2 9 ? 1.736   5.405   12.795  1.00 58.01 ? 18  DG  B "O4'" 1 
ATOM   316 C "C3'" . DG  B 2 9 ? 2.731   6.010   14.872  1.00 45.45 ? 18  DG  B "C3'" 1 
ATOM   317 O "O3'" . DG  B 2 9 ? 1.798   6.112   15.934  1.00 48.82 ? 18  DG  B "O3'" 1 
ATOM   318 C "C2'" . DG  B 2 9 ? 3.072   4.571   14.576  1.00 54.13 ? 18  DG  B "C2'" 1 
ATOM   319 C "C1'" . DG  B 2 9 ? 2.130   4.222   13.444  1.00 53.81 ? 18  DG  B "C1'" 1 
ATOM   320 N N9    . DG  B 2 9 ? 2.816   3.329   12.463  1.00 50.90 ? 18  DG  B N9    1 
ATOM   321 C C8    . DG  B 2 9 ? 3.919   3.657   11.690  1.00 42.32 ? 18  DG  B C8    1 
ATOM   322 N N7    . DG  B 2 9 ? 4.334   2.689   10.902  1.00 35.39 ? 18  DG  B N7    1 
ATOM   323 C C5    . DG  B 2 9 ? 3.426   1.663   11.192  1.00 42.43 ? 18  DG  B C5    1 
ATOM   324 C C6    . DG  B 2 9 ? 3.381   0.356   10.635  1.00 38.41 ? 18  DG  B C6    1 
ATOM   325 O O6    . DG  B 2 9 ? 4.173   -0.052  9.786   1.00 43.13 ? 18  DG  B O6    1 
ATOM   326 N N1    . DG  B 2 9 ? 2.328   -0.401  11.171  1.00 30.17 ? 18  DG  B N1    1 
ATOM   327 C C2    . DG  B 2 9 ? 1.437   0.053   12.124  1.00 38.90 ? 18  DG  B C2    1 
ATOM   328 N N2    . DG  B 2 9 ? 0.495   -0.815  12.516  1.00 43.74 ? 18  DG  B N2    1 
ATOM   329 N N3    . DG  B 2 9 ? 1.486   1.281   12.643  1.00 51.61 ? 18  DG  B N3    1 
ATOM   330 C C4    . DG  B 2 9 ? 2.499   2.032   12.136  1.00 40.41 ? 18  DG  B C4    1 
HETATM 331 O O     . HOH C 3 . ? -11.302 4.025   4.627   1.00 41.09 ? 21  HOH A O     1 
HETATM 332 O O     . HOH C 3 . ? 1.871   7.016   -2.903  1.00 31.57 ? 22  HOH A O     1 
HETATM 333 O O     . HOH C 3 . ? 1.566   9.352   -3.913  1.00 36.93 ? 23  HOH A O     1 
HETATM 334 O O     . HOH C 3 . ? 1.628   -1.713  -11.330 1.00 39.04 ? 25  HOH A O     1 
HETATM 335 O O     . HOH C 3 . ? 1.452   -1.745  4.461   1.00 27.48 ? 27  HOH A O     1 
HETATM 336 O O     . HOH C 3 . ? -2.704  2.654   10.780  1.00 43.14 ? 28  HOH A O     1 
HETATM 337 O O     . HOH C 3 . ? -1.087  7.618   -14.761 1.00 41.66 ? 30  HOH A O     1 
HETATM 338 O O     . HOH C 3 . ? -6.806  -11.020 8.266   1.00 35.97 ? 31  HOH A O     1 
HETATM 339 O O     . HOH C 3 . ? -4.319  1.348   0.317   1.00 35.36 ? 32  HOH A O     1 
HETATM 340 O O     . HOH C 3 . ? -0.748  -6.995  -12.883 1.00 60.41 ? 33  HOH A O     1 
HETATM 341 O O     . HOH C 3 . ? -10.564 -0.103  2.325   1.00 48.22 ? 35  HOH A O     1 
HETATM 342 O O     . HOH C 3 . ? -5.198  1.475   -5.616  1.00 55.59 ? 37  HOH A O     1 
HETATM 343 O O     . HOH C 3 . ? -6.312  -7.314  7.294   1.00 38.17 ? 38  HOH A O     1 
HETATM 344 O O     . HOH C 3 . ? 1.768   -5.014  -10.994 1.00 50.74 ? 42  HOH A O     1 
HETATM 345 O O     . HOH C 3 . ? -6.149  2.320   1.307   1.00 50.13 ? 43  HOH A O     1 
HETATM 346 O O     . HOH C 3 . ? -2.886  -4.057  5.940   1.00 32.76 ? 44  HOH A O     1 
HETATM 347 O O     . HOH C 3 . ? 2.306   2.212   -16.848 1.00 37.16 ? 45  HOH A O     1 
HETATM 348 O O     . HOH C 3 . ? 4.320   -11.360 6.991   1.00 47.26 ? 46  HOH A O     1 
HETATM 349 O O     . HOH C 3 . ? -2.854  -1.262  2.372   1.00 33.09 ? 49  HOH A O     1 
HETATM 350 O O     . HOH C 3 . ? 2.073   7.950   -13.199 1.00 39.42 ? 53  HOH A O     1 
HETATM 351 O O     . HOH C 3 . ? 1.318   10.684  -6.608  1.00 36.58 ? 54  HOH A O     1 
HETATM 352 O O     . HOH C 3 . ? -13.066 8.142   0.843   1.00 51.11 ? 56  HOH A O     1 
HETATM 353 O O     . HOH C 3 . ? -0.635  2.481   -19.340 1.00 44.21 ? 57  HOH A O     1 
HETATM 354 O O     . HOH C 3 . ? 5.448   -7.141  7.797   1.00 44.88 ? 60  HOH A O     1 
HETATM 355 O O     . HOH C 3 . ? -9.383  7.089   4.727   1.00 39.44 ? 64  HOH A O     1 
HETATM 356 O O     . HOH C 3 . ? -4.663  6.706   -8.984  1.00 49.83 ? 65  HOH A O     1 
HETATM 357 O O     . HOH C 3 . ? -1.731  -6.462  -19.329 1.00 36.47 ? 66  HOH A O     1 
HETATM 358 O O     . HOH C 3 . ? 2.449   4.924   -17.353 1.00 40.05 ? 67  HOH A O     1 
HETATM 359 O O     . HOH C 3 . ? -13.304 2.641   2.322   1.00 41.56 ? 69  HOH A O     1 
HETATM 360 O O     . HOH C 3 . ? -9.959  -0.608  6.301   1.00 48.83 ? 70  HOH A O     1 
HETATM 361 O O     . HOH C 3 . ? -0.662  -2.178  1.234   1.00 46.78 ? 72  HOH A O     1 
HETATM 362 O O     . HOH C 3 . ? -8.134  8.972   5.132   1.00 40.89 ? 73  HOH A O     1 
HETATM 363 O O     . HOH C 3 . ? -8.618  6.319   -6.705  1.00 48.06 ? 74  HOH A O     1 
HETATM 364 O O     . HOH C 3 . ? -11.202 6.867   1.271   1.00 48.06 ? 75  HOH A O     1 
HETATM 365 O O     . HOH C 3 . ? -7.356  10.897  -2.531  1.00 49.75 ? 76  HOH A O     1 
HETATM 366 O O     . HOH C 3 . ? -4.769  -10.095 8.793   1.00 38.10 ? 77  HOH A O     1 
HETATM 367 O O     . HOH C 3 . ? -1.406  -6.836  5.248   1.00 59.82 ? 79  HOH A O     1 
HETATM 368 O O     . HOH C 3 . ? -1.134  5.511   -17.284 1.00 46.05 ? 80  HOH A O     1 
HETATM 369 O O     . HOH C 3 . ? 5.702   -2.223  7.135   1.00 49.26 ? 83  HOH A O     1 
HETATM 370 O O     . HOH C 3 . ? -11.315 -5.058  4.854   1.00 62.13 ? 85  HOH A O     1 
HETATM 371 O O     . HOH C 3 . ? -0.253  -5.573  -17.810 1.00 43.95 ? 86  HOH A O     1 
HETATM 372 O O     . HOH C 3 . ? -1.269  -2.801  4.486   1.00 40.12 ? 87  HOH A O     1 
HETATM 373 O O     . HOH C 3 . ? -7.437  5.810   -4.700  1.00 60.03 ? 88  HOH A O     1 
HETATM 374 O O     . HOH C 3 . ? 1.606   11.064  -13.271 1.00 49.28 ? 89  HOH A O     1 
HETATM 375 O O     . HOH C 3 . ? -0.827  12.220  -16.587 1.00 58.73 ? 92  HOH A O     1 
HETATM 376 O O     . HOH C 3 . ? -1.597  10.157  -17.242 1.00 43.93 ? 93  HOH A O     1 
HETATM 377 O O     . HOH C 3 . ? -4.345  -0.945  0.655   1.00 40.68 ? 97  HOH A O     1 
HETATM 378 O O     . HOH C 3 . ? -7.864  -6.024  4.801   1.00 56.79 ? 98  HOH A O     1 
HETATM 379 O O     . HOH C 3 . ? -13.862 0.714   3.842   1.00 40.04 ? 100 HOH A O     1 
HETATM 380 O O     . HOH C 3 . ? 6.434   -9.654  4.689   1.00 48.63 ? 104 HOH A O     1 
HETATM 381 O O     . HOH C 3 . ? 0.295   10.347  -15.581 1.00 52.54 ? 105 HOH A O     1 
HETATM 382 O O     . HOH C 3 . ? -4.505  5.214   -11.181 1.00 73.37 ? 106 HOH A O     1 
HETATM 383 O O     . HOH C 3 . ? -7.805  -1.905  4.850   1.00 48.25 ? 107 HOH A O     1 
HETATM 384 O O     . HOH C 3 . ? -4.229  2.327   -3.712  1.00 50.05 ? 108 HOH A O     1 
HETATM 385 O O     . HOH C 3 . ? -5.189  11.351  -5.175  1.00 44.49 ? 110 HOH A O     1 
HETATM 386 O O     . HOH C 3 . ? 3.138   -5.688  5.801   1.00 45.62 ? 112 HOH A O     1 
HETATM 387 O O     . HOH C 3 . ? -10.055 1.213   4.902   1.00 50.07 ? 114 HOH A O     1 
HETATM 388 O O     . HOH C 3 . ? 2.752   12.557  -5.995  1.00 50.54 ? 117 HOH A O     1 
HETATM 389 O O     . HOH C 3 . ? -2.782  0.323   11.791  1.00 47.66 ? 118 HOH A O     1 
HETATM 390 O O     . HOH C 3 . ? -10.968 4.356   0.320   1.00 50.35 ? 119 HOH A O     1 
HETATM 391 O O     . HOH C 3 . ? -6.970  -4.980  7.407   1.00 42.49 ? 120 HOH A O     1 
HETATM 392 O O     . HOH D 3 . ? 4.060   6.686   -1.328  1.00 27.17 ? 19  HOH B O     1 
HETATM 393 O O     . HOH D 3 . ? -0.597  5.453   9.475   1.00 42.64 ? 20  HOH B O     1 
HETATM 394 O O     . HOH D 3 . ? 7.038   8.372   -1.311  1.00 40.79 ? 24  HOH B O     1 
HETATM 395 O O     . HOH D 3 . ? -4.983  -11.209 0.927   1.00 38.41 ? 26  HOH B O     1 
HETATM 396 O O     . HOH D 3 . ? 3.791   -1.902  3.808   1.00 36.22 ? 29  HOH B O     1 
HETATM 397 O O     . HOH D 3 . ? 11.587  6.296   4.608   1.00 42.24 ? 34  HOH B O     1 
HETATM 398 O O     . HOH D 3 . ? 1.740   -3.556  0.141   1.00 44.93 ? 36  HOH B O     1 
HETATM 399 O O     . HOH D 3 . ? 10.420  -0.465  1.299   1.00 41.47 ? 39  HOH B O     1 
HETATM 400 O O     . HOH D 3 . ? -8.610  -10.640 1.327   1.00 55.63 ? 40  HOH B O     1 
HETATM 401 O O     . HOH D 3 . ? 2.849   -11.609 -6.379  1.00 51.56 ? 41  HOH B O     1 
HETATM 402 O O     . HOH D 3 . ? -7.200  -0.803  -5.964  1.00 54.49 ? 47  HOH B O     1 
HETATM 403 O O     . HOH D 3 . ? 6.237   -0.152  5.910   1.00 37.85 ? 48  HOH B O     1 
HETATM 404 O O     . HOH D 3 . ? -8.970  -6.478  1.080   1.00 46.95 ? 50  HOH B O     1 
HETATM 405 O O     . HOH D 3 . ? 7.919   3.501   8.326   1.00 40.78 ? 51  HOH B O     1 
HETATM 406 O O     . HOH D 3 . ? 6.091   8.495   16.215  1.00 34.91 ? 52  HOH B O     1 
HETATM 407 O O     . HOH D 3 . ? 0.379   -12.951 0.071   1.00 39.31 ? 55  HOH B O     1 
HETATM 408 O O     . HOH D 3 . ? 5.068   -11.124 -1.798  1.00 37.64 ? 58  HOH B O     1 
HETATM 409 O O     . HOH D 3 . ? 10.727  3.644   9.040   1.00 50.41 ? 59  HOH B O     1 
HETATM 410 O O     . HOH D 3 . ? 1.917   -1.777  1.747   1.00 44.09 ? 61  HOH B O     1 
HETATM 411 O O     . HOH D 3 . ? -4.402  -1.794  -3.142  1.00 38.58 ? 62  HOH B O     1 
HETATM 412 O O     . HOH D 3 . ? -9.785  -8.488  1.853   1.00 47.96 ? 63  HOH B O     1 
HETATM 413 O O     . HOH D 3 . ? 4.889   6.787   17.323  1.00 49.65 ? 68  HOH B O     1 
HETATM 414 O O     . HOH D 3 . ? 10.995  2.612   6.634   1.00 47.62 ? 71  HOH B O     1 
HETATM 415 O O     . HOH D 3 . ? 0.681   -10.653 0.076   1.00 50.29 ? 78  HOH B O     1 
HETATM 416 O O     . HOH D 3 . ? 7.058   1.978   6.844   1.00 30.57 ? 81  HOH B O     1 
HETATM 417 O O     . HOH D 3 . ? -5.792  -11.717 4.313   1.00 55.59 ? 82  HOH B O     1 
HETATM 418 O O     . HOH D 3 . ? -1.543  -3.892  -1.640  1.00 43.94 ? 84  HOH B O     1 
HETATM 419 O O     . HOH D 3 . ? 2.335   -9.218  0.774   1.00 44.39 ? 90  HOH B O     1 
HETATM 420 O O     . HOH D 3 . ? 7.725   5.373   9.639   1.00 44.03 ? 91  HOH B O     1 
HETATM 421 O O     . HOH D 3 . ? -2.538  -8.189  0.106   1.00 38.98 ? 94  HOH B O     1 
HETATM 422 O O     . HOH D 3 . ? 10.585  -8.371  -5.500  1.00 42.19 ? 95  HOH B O     1 
HETATM 423 O O     . HOH D 3 . ? 7.188   -9.442  0.489   1.00 59.17 ? 96  HOH B O     1 
HETATM 424 O O     . HOH D 3 . ? 4.433   -1.133  1.740   1.00 44.68 ? 99  HOH B O     1 
HETATM 425 O O     . HOH D 3 . ? -2.602  -12.941 2.652   1.00 53.61 ? 101 HOH B O     1 
HETATM 426 O O     . HOH D 3 . ? -0.740  -9.335  -1.155  1.00 45.76 ? 102 HOH B O     1 
HETATM 427 O O     . HOH D 3 . ? 0.905   -13.078 -2.868  1.00 52.80 ? 103 HOH B O     1 
HETATM 428 O O     . HOH D 3 . ? 11.299  -1.351  3.219   1.00 54.95 ? 109 HOH B O     1 
HETATM 429 O O     . HOH D 3 . ? -5.755  -8.936  2.504   1.00 45.88 ? 111 HOH B O     1 
HETATM 430 O O     . HOH D 3 . ? -0.644  1.568   15.034  1.00 49.68 ? 113 HOH B O     1 
HETATM 431 O O     . HOH D 3 . ? -6.700  -2.145  -1.472  1.00 64.51 ? 115 HOH B O     1 
HETATM 432 O O     . HOH D 3 . ? 3.604   -11.628 2.826   1.00 42.32 ? 116 HOH B O     1 
# 
